data_1I7Z
#
_entry.id   1I7Z
#
_cell.length_a   142.020
_cell.length_b   64.070
_cell.length_c   129.370
_cell.angle_alpha   90.00
_cell.angle_beta   123.06
_cell.angle_gamma   90.00
#
_symmetry.space_group_name_H-M   'C 1 2 1'
#
loop_
_entity.id
_entity.type
_entity.pdbx_description
1 polymer 'CHIMERA OF IG KAPPA CHAIN: HUMAN CONSTANT REGION AND MOUSE VARIABLE REGION'
2 polymer 'CHIMERA OF IG GAMMA-1 CHAIN: HUMAN CONSTANT REGION AND MOUSE VARIABLE REGION'
3 non-polymer COCAINE
4 water water
#
loop_
_entity_poly.entity_id
_entity_poly.type
_entity_poly.pdbx_seq_one_letter_code
_entity_poly.pdbx_strand_id
1 'polypeptide(L)'
;DLVLTQSPASLAVSLGQRATISCRASKSVSTSGYNYMHWYQQKPGQPPKLLIYLASNLASGVPARFSGSGSGTDFTLNIH
PVEEEDAATYYCLYSREFPPWTFGGGTKLEIKRTVAAPSVFIFPPSDEQLKSGTASVVCLLNNFYPREAKVQWKVDNALQ
SGNSQESVTEQDSKDSTYSLSSTLTLSKADYEKHKVYACEVTHQGLSSPVTKSFNRGEC
;
A,C
2 'polypeptide(L)'
;QVQLQQSGPELKKPGETVKISCKTSGYSFTNYGMNWVKQAPGKGLKWMGWINTYTGEPTYADDFRGRFAFSLATSASTAY
LQIINLKNEDTATYFCETYDSPLGDYWGQGTTVTVSSASTKGPSVFPLAPSSKSTSGGTAALGCLVKDYFPEPVTVSWNS
GALTSGVHTFPAVLQSSGLYSLSSVVTVPSSSLGTQTYICNVNHKPSNTKVDKKVEPKSC
;
B,D
#
loop_
_chem_comp.id
_chem_comp.type
_chem_comp.name
_chem_comp.formula
COC non-polymer COCAINE 'C17 H21 N O4'
#
# COMPACT_ATOMS: atom_id res chain seq x y z
N ASP A 1 -16.21 5.19 -38.94
CA ASP A 1 -15.51 4.50 -37.80
C ASP A 1 -15.08 5.53 -36.76
N LEU A 2 -14.83 5.08 -35.53
CA LEU A 2 -14.44 5.99 -34.47
C LEU A 2 -13.00 5.80 -34.01
N VAL A 3 -12.26 6.91 -33.99
CA VAL A 3 -10.87 6.91 -33.56
C VAL A 3 -10.68 7.97 -32.49
N LEU A 4 -9.87 7.66 -31.49
CA LEU A 4 -9.60 8.61 -30.42
C LEU A 4 -8.12 8.93 -30.40
N THR A 5 -7.78 10.21 -30.41
CA THR A 5 -6.38 10.59 -30.35
C THR A 5 -6.15 11.48 -29.14
N GLN A 6 -5.15 11.12 -28.35
CA GLN A 6 -4.82 11.86 -27.13
C GLN A 6 -3.68 12.87 -27.27
N SER A 7 -3.76 13.95 -26.48
CA SER A 7 -2.76 15.00 -26.46
C SER A 7 -2.45 15.38 -25.02
N PRO A 8 -1.17 15.38 -24.65
CA PRO A 8 -0.02 15.03 -25.49
C PRO A 8 0.33 13.54 -25.31
N ALA A 9 1.42 13.10 -25.94
CA ALA A 9 1.84 11.70 -25.82
C ALA A 9 2.54 11.50 -24.47
N SER A 10 3.26 12.53 -24.03
CA SER A 10 3.99 12.50 -22.77
C SER A 10 3.83 13.85 -22.08
N LEU A 11 3.95 13.85 -20.77
CA LEU A 11 3.76 15.06 -20.02
C LEU A 11 4.52 14.92 -18.72
N ALA A 12 5.28 15.96 -18.37
CA ALA A 12 6.02 15.97 -17.13
C ALA A 12 5.43 17.13 -16.34
N VAL A 13 4.97 16.84 -15.13
CA VAL A 13 4.36 17.87 -14.29
C VAL A 13 4.90 17.87 -12.87
N SER A 14 5.20 19.08 -12.38
CA SER A 14 5.73 19.26 -11.03
C SER A 14 4.77 18.78 -9.94
N LEU A 15 5.33 18.12 -8.93
CA LEU A 15 4.57 17.61 -7.81
C LEU A 15 3.75 18.75 -7.21
N GLY A 16 2.44 18.57 -7.12
CA GLY A 16 1.60 19.60 -6.55
C GLY A 16 0.88 20.44 -7.59
N GLN A 17 1.38 20.42 -8.83
CA GLN A 17 0.78 21.20 -9.90
C GLN A 17 -0.37 20.47 -10.58
N ARG A 18 -0.90 21.10 -11.63
CA ARG A 18 -2.01 20.56 -12.38
C ARG A 18 -1.59 19.83 -13.65
N ALA A 19 -2.18 18.66 -13.88
CA ALA A 19 -1.89 17.88 -15.07
C ALA A 19 -3.17 17.86 -15.88
N THR A 20 -3.07 18.23 -17.15
CA THR A 20 -4.23 18.25 -18.03
C THR A 20 -3.99 17.38 -19.25
N ILE A 21 -4.88 16.42 -19.48
CA ILE A 21 -4.75 15.51 -20.61
C ILE A 21 -5.98 15.56 -21.48
N SER A 22 -5.77 15.55 -22.80
CA SER A 22 -6.88 15.63 -23.74
C SER A 22 -7.09 14.40 -24.60
N CYS A 23 -8.30 14.31 -25.14
CA CYS A 23 -8.72 13.20 -26.00
C CYS A 23 -9.75 13.77 -26.95
N ARG A 24 -9.55 13.52 -28.24
CA ARG A 24 -10.47 14.01 -29.26
C ARG A 24 -11.02 12.80 -30.01
N ALA A 25 -12.33 12.77 -30.19
CA ALA A 25 -12.96 11.66 -30.92
C ALA A 25 -13.15 12.09 -32.37
N SER A 26 -12.98 11.14 -33.29
CA SER A 26 -13.13 11.42 -34.71
C SER A 26 -14.54 11.90 -35.01
N LYS A 27 -15.45 11.60 -34.09
CA LYS A 27 -16.84 12.01 -34.24
C LYS A 27 -17.51 12.04 -32.87
N SER A 28 -18.51 12.90 -32.74
CA SER A 28 -19.24 13.10 -31.50
C SER A 28 -19.69 11.82 -30.79
N VAL A 29 -19.55 11.81 -29.47
CA VAL A 29 -19.95 10.69 -28.65
C VAL A 29 -20.97 11.15 -27.61
N SER A 30 -21.67 12.24 -27.93
CA SER A 30 -22.66 12.81 -27.03
C SER A 30 -24.04 12.93 -27.67
N THR A 31 -24.18 12.41 -28.89
CA THR A 31 -25.44 12.48 -29.62
C THR A 31 -26.68 11.92 -28.93
N SER A 32 -26.51 10.93 -28.08
CA SER A 32 -27.64 10.33 -27.38
C SER A 32 -28.06 11.20 -26.20
N GLY A 33 -27.19 12.13 -25.82
CA GLY A 33 -27.48 13.00 -24.69
C GLY A 33 -26.54 12.69 -23.56
N TYR A 34 -25.89 11.54 -23.63
CA TYR A 34 -24.93 11.12 -22.61
C TYR A 34 -23.53 11.23 -23.19
N ASN A 35 -22.54 11.46 -22.33
CA ASN A 35 -21.17 11.60 -22.79
C ASN A 35 -20.38 10.31 -22.63
N TYR A 36 -20.29 9.54 -23.71
CA TYR A 36 -19.60 8.26 -23.69
C TYR A 36 -18.07 8.31 -23.75
N MET A 37 -17.47 8.91 -22.73
CA MET A 37 -16.03 9.01 -22.65
C MET A 37 -15.61 8.54 -21.25
N HIS A 38 -14.61 7.68 -21.19
CA HIS A 38 -14.15 7.17 -19.92
C HIS A 38 -12.63 7.26 -19.85
N TRP A 39 -12.09 7.30 -18.64
CA TRP A 39 -10.65 7.39 -18.48
C TRP A 39 -10.09 6.29 -17.58
N TYR A 40 -8.98 5.71 -18.03
CA TYR A 40 -8.30 4.65 -17.34
C TYR A 40 -6.89 5.09 -16.98
N GLN A 41 -6.38 4.55 -15.88
CA GLN A 41 -5.03 4.84 -15.45
C GLN A 41 -4.36 3.48 -15.40
N GLN A 42 -3.11 3.41 -15.85
CA GLN A 42 -2.38 2.14 -15.78
C GLN A 42 -0.95 2.35 -15.37
N LYS A 43 -0.56 1.75 -14.26
CA LYS A 43 0.81 1.83 -13.79
C LYS A 43 1.57 0.61 -14.32
N PRO A 44 2.89 0.74 -14.49
CA PRO A 44 3.72 -0.36 -14.99
C PRO A 44 3.53 -1.69 -14.29
N GLY A 45 3.30 -2.74 -15.06
CA GLY A 45 3.12 -4.06 -14.48
C GLY A 45 1.77 -4.32 -13.86
N GLN A 46 0.81 -3.42 -14.09
CA GLN A 46 -0.52 -3.59 -13.54
C GLN A 46 -1.57 -3.40 -14.62
N PRO A 47 -2.76 -3.98 -14.41
CA PRO A 47 -3.81 -3.84 -15.41
C PRO A 47 -4.38 -2.44 -15.28
N PRO A 48 -5.17 -2.00 -16.27
CA PRO A 48 -5.78 -0.67 -16.25
C PRO A 48 -6.76 -0.57 -15.07
N LYS A 49 -7.09 0.65 -14.68
CA LYS A 49 -8.00 0.92 -13.57
C LYS A 49 -8.88 2.11 -13.94
N LEU A 50 -10.19 1.93 -13.89
CA LEU A 50 -11.11 3.00 -14.25
C LEU A 50 -10.99 4.19 -13.28
N LEU A 51 -11.00 5.39 -13.83
CA LEU A 51 -10.89 6.61 -13.03
C LEU A 51 -12.19 7.40 -13.12
N ILE A 52 -12.66 7.57 -14.35
CA ILE A 52 -13.86 8.35 -14.62
C ILE A 52 -14.72 7.69 -15.70
N TYR A 53 -16.03 7.68 -15.48
CA TYR A 53 -16.94 7.11 -16.47
C TYR A 53 -17.94 8.19 -16.83
N LEU A 54 -18.41 8.16 -18.07
CA LEU A 54 -19.36 9.15 -18.56
C LEU A 54 -18.80 10.57 -18.49
N ALA A 55 -17.58 10.72 -19.00
CA ALA A 55 -16.89 12.00 -19.07
C ALA A 55 -16.54 12.73 -17.76
N SER A 56 -17.40 12.63 -16.73
CA SER A 56 -17.12 13.35 -15.49
C SER A 56 -17.40 12.68 -14.16
N ASN A 57 -17.89 11.44 -14.16
CA ASN A 57 -18.19 10.77 -12.90
C ASN A 57 -17.01 9.93 -12.40
N LEU A 58 -16.66 10.11 -11.12
CA LEU A 58 -15.54 9.37 -10.51
C LEU A 58 -15.85 7.88 -10.36
N ALA A 59 -14.89 7.04 -10.71
CA ALA A 59 -15.05 5.60 -10.59
C ALA A 59 -14.90 5.19 -9.13
N SER A 60 -14.95 3.90 -8.87
CA SER A 60 -14.84 3.40 -7.50
C SER A 60 -13.46 3.55 -6.88
N GLY A 61 -13.41 4.20 -5.72
CA GLY A 61 -12.14 4.40 -5.02
C GLY A 61 -11.18 5.30 -5.77
N VAL A 62 -11.67 6.42 -6.26
CA VAL A 62 -10.85 7.37 -6.99
C VAL A 62 -10.89 8.69 -6.23
N PRO A 63 -9.72 9.17 -5.78
CA PRO A 63 -9.62 10.42 -5.05
C PRO A 63 -10.22 11.56 -5.85
N ALA A 64 -10.75 12.56 -5.17
CA ALA A 64 -11.36 13.69 -5.82
C ALA A 64 -10.37 14.58 -6.58
N ARG A 65 -9.07 14.29 -6.50
CA ARG A 65 -8.12 15.11 -7.25
C ARG A 65 -8.19 14.83 -8.75
N PHE A 66 -8.90 13.78 -9.14
CA PHE A 66 -9.08 13.42 -10.56
C PHE A 66 -10.43 13.99 -10.98
N SER A 67 -10.53 14.52 -12.20
CA SER A 67 -11.80 15.06 -12.67
C SER A 67 -11.85 15.06 -14.19
N GLY A 68 -13.05 15.09 -14.75
CA GLY A 68 -13.19 15.07 -16.20
C GLY A 68 -14.23 16.04 -16.70
N SER A 69 -14.11 16.46 -17.96
CA SER A 69 -15.06 17.37 -18.57
C SER A 69 -15.14 17.17 -20.07
N GLY A 70 -16.01 17.94 -20.71
CA GLY A 70 -16.15 17.85 -22.15
C GLY A 70 -17.41 17.17 -22.64
N SER A 71 -17.61 17.27 -23.95
CA SER A 71 -18.75 16.66 -24.61
C SER A 71 -18.52 16.72 -26.10
N GLY A 72 -19.35 16.02 -26.87
CA GLY A 72 -19.20 16.02 -28.30
C GLY A 72 -17.91 15.33 -28.68
N THR A 73 -16.93 16.10 -29.14
CA THR A 73 -15.66 15.51 -29.55
C THR A 73 -14.48 15.77 -28.62
N ASP A 74 -14.50 16.85 -27.85
CA ASP A 74 -13.38 17.15 -26.97
C ASP A 74 -13.58 16.92 -25.48
N PHE A 75 -12.70 16.10 -24.89
CA PHE A 75 -12.75 15.78 -23.48
C PHE A 75 -11.38 15.98 -22.88
N THR A 76 -11.31 16.19 -21.57
CA THR A 76 -10.04 16.36 -20.88
C THR A 76 -10.07 15.71 -19.51
N LEU A 77 -8.92 15.14 -19.11
CA LEU A 77 -8.79 14.52 -17.80
C LEU A 77 -7.91 15.46 -16.99
N ASN A 78 -8.38 15.83 -15.80
CA ASN A 78 -7.62 16.74 -14.95
C ASN A 78 -7.22 16.11 -13.63
N ILE A 79 -5.95 16.32 -13.27
CA ILE A 79 -5.36 15.85 -12.02
C ILE A 79 -4.76 17.06 -11.31
N HIS A 80 -5.18 17.29 -10.07
CA HIS A 80 -4.71 18.43 -9.31
C HIS A 80 -5.07 18.27 -7.83
N PRO A 81 -4.07 18.22 -6.95
CA PRO A 81 -2.63 18.29 -7.22
C PRO A 81 -2.03 16.94 -7.63
N VAL A 82 -1.07 16.98 -8.54
CA VAL A 82 -0.38 15.79 -9.02
C VAL A 82 0.43 15.24 -7.85
N GLU A 83 0.37 13.94 -7.63
CA GLU A 83 1.13 13.32 -6.56
C GLU A 83 2.07 12.26 -7.14
N GLU A 84 3.11 11.88 -6.40
CA GLU A 84 4.07 10.90 -6.89
C GLU A 84 3.40 9.61 -7.35
N GLU A 85 2.41 9.16 -6.58
CA GLU A 85 1.71 7.93 -6.90
C GLU A 85 0.95 8.03 -8.22
N ASP A 86 0.91 9.22 -8.81
CA ASP A 86 0.20 9.39 -10.07
C ASP A 86 1.05 9.16 -11.33
N ALA A 87 2.30 8.78 -11.13
CA ALA A 87 3.18 8.48 -12.26
C ALA A 87 2.52 7.28 -12.95
N ALA A 88 2.05 7.45 -14.17
CA ALA A 88 1.40 6.35 -14.87
C ALA A 88 1.02 6.75 -16.28
N THR A 89 0.37 5.84 -16.99
CA THR A 89 -0.07 6.14 -18.35
C THR A 89 -1.59 6.25 -18.31
N TYR A 90 -2.13 7.26 -18.98
CA TYR A 90 -3.58 7.46 -18.99
C TYR A 90 -4.17 7.28 -20.37
N TYR A 91 -5.25 6.52 -20.43
CA TYR A 91 -5.93 6.22 -21.69
C TYR A 91 -7.40 6.64 -21.64
N CYS A 92 -7.92 7.21 -22.72
CA CYS A 92 -9.34 7.52 -22.74
C CYS A 92 -9.95 6.30 -23.41
N LEU A 93 -11.22 6.04 -23.14
CA LEU A 93 -11.90 4.90 -23.70
C LEU A 93 -13.32 5.25 -24.05
N TYR A 94 -13.71 4.95 -25.28
CA TYR A 94 -15.06 5.19 -25.71
C TYR A 94 -15.81 3.87 -25.61
N SER A 95 -17.11 3.96 -25.32
CA SER A 95 -17.99 2.79 -25.24
C SER A 95 -19.31 3.12 -24.58
N ARG A 96 -20.33 2.36 -24.96
CA ARG A 96 -21.66 2.52 -24.41
C ARG A 96 -21.85 1.44 -23.36
N GLU A 97 -23.09 1.20 -22.94
CA GLU A 97 -23.36 0.17 -21.93
C GLU A 97 -22.65 -1.12 -22.30
N PHE A 98 -22.68 -1.44 -23.59
CA PHE A 98 -22.03 -2.63 -24.12
C PHE A 98 -20.97 -2.18 -25.12
N PRO A 99 -20.04 -3.08 -25.48
CA PRO A 99 -18.98 -2.76 -26.44
C PRO A 99 -19.68 -2.44 -27.76
N PRO A 100 -18.91 -2.17 -28.83
CA PRO A 100 -17.46 -2.15 -28.96
C PRO A 100 -16.77 -1.13 -28.07
N TRP A 101 -15.45 -1.24 -28.00
CA TRP A 101 -14.61 -0.33 -27.24
C TRP A 101 -13.56 0.22 -28.18
N THR A 102 -13.12 1.44 -27.91
CA THR A 102 -12.06 2.05 -28.70
C THR A 102 -11.21 2.85 -27.72
N PHE A 103 -9.97 2.42 -27.54
CA PHE A 103 -9.02 3.09 -26.66
C PHE A 103 -8.28 4.19 -27.39
N GLY A 104 -7.80 5.18 -26.65
CA GLY A 104 -7.02 6.24 -27.26
C GLY A 104 -5.59 5.73 -27.16
N GLY A 105 -4.64 6.39 -27.83
CA GLY A 105 -3.25 5.95 -27.79
C GLY A 105 -2.53 6.02 -26.45
N GLY A 106 -3.01 6.86 -25.53
CA GLY A 106 -2.36 6.94 -24.22
C GLY A 106 -1.53 8.20 -24.03
N THR A 107 -1.26 8.50 -22.76
CA THR A 107 -0.48 9.68 -22.39
C THR A 107 0.36 9.31 -21.18
N LYS A 108 1.68 9.27 -21.34
CA LYS A 108 2.56 8.94 -20.22
C LYS A 108 2.71 10.16 -19.32
N LEU A 109 2.66 9.97 -18.01
CA LEU A 109 2.80 11.08 -17.08
C LEU A 109 3.96 10.87 -16.13
N GLU A 110 4.94 11.77 -16.18
CA GLU A 110 6.09 11.70 -15.31
C GLU A 110 5.96 12.81 -14.28
N ILE A 111 6.36 12.52 -13.05
CA ILE A 111 6.30 13.51 -12.00
C ILE A 111 7.64 14.22 -11.95
N LYS A 112 7.60 15.55 -11.99
CA LYS A 112 8.81 16.34 -11.94
C LYS A 112 9.12 16.73 -10.50
N ARG A 113 10.38 16.59 -10.10
CA ARG A 113 10.80 16.95 -8.76
C ARG A 113 12.14 17.67 -8.78
N THR A 114 12.60 18.11 -7.61
CA THR A 114 13.88 18.79 -7.53
C THR A 114 14.98 17.79 -7.84
N VAL A 115 16.00 18.26 -8.54
CA VAL A 115 17.14 17.45 -8.92
C VAL A 115 17.70 16.70 -7.73
N ALA A 116 18.07 15.44 -7.93
CA ALA A 116 18.64 14.63 -6.86
C ALA A 116 19.77 13.80 -7.45
N ALA A 117 20.91 13.79 -6.77
CA ALA A 117 22.08 13.07 -7.23
C ALA A 117 22.04 11.60 -6.89
N PRO A 118 22.58 10.76 -7.76
CA PRO A 118 22.56 9.32 -7.45
C PRO A 118 23.64 8.91 -6.47
N SER A 119 23.38 7.84 -5.75
CA SER A 119 24.35 7.27 -4.85
C SER A 119 24.95 6.20 -5.77
N VAL A 120 26.27 6.13 -5.85
CA VAL A 120 26.92 5.17 -6.73
C VAL A 120 27.62 4.04 -6.00
N PHE A 121 27.42 2.83 -6.49
CA PHE A 121 28.05 1.64 -5.91
C PHE A 121 28.59 0.76 -7.04
N ILE A 122 29.53 -0.11 -6.72
CA ILE A 122 30.09 -1.00 -7.72
C ILE A 122 30.29 -2.38 -7.13
N PHE A 123 30.10 -3.41 -7.96
CA PHE A 123 30.23 -4.78 -7.51
C PHE A 123 31.18 -5.60 -8.39
N PRO A 124 32.26 -6.11 -7.80
CA PRO A 124 33.21 -6.92 -8.59
C PRO A 124 32.54 -8.28 -8.80
N PRO A 125 32.98 -9.02 -9.82
CA PRO A 125 32.39 -10.34 -10.10
C PRO A 125 32.50 -11.29 -8.91
N SER A 126 31.56 -12.22 -8.81
CA SER A 126 31.57 -13.21 -7.73
C SER A 126 32.50 -14.36 -8.09
N ASP A 127 33.04 -15.04 -7.08
CA ASP A 127 33.94 -16.16 -7.30
C ASP A 127 33.30 -17.27 -8.12
N GLU A 128 32.04 -17.60 -7.84
CA GLU A 128 31.40 -18.68 -8.56
C GLU A 128 31.17 -18.39 -10.04
N GLN A 129 30.93 -17.13 -10.39
CA GLN A 129 30.74 -16.80 -11.80
C GLN A 129 32.10 -16.88 -12.49
N LEU A 130 33.09 -16.23 -11.90
CA LEU A 130 34.43 -16.25 -12.46
C LEU A 130 34.80 -17.70 -12.71
N LYS A 131 34.39 -18.56 -11.78
CA LYS A 131 34.67 -19.98 -11.89
C LYS A 131 34.01 -20.61 -13.12
N SER A 132 32.95 -20.00 -13.64
CA SER A 132 32.28 -20.55 -14.79
C SER A 132 32.75 -19.97 -16.12
N GLY A 133 33.79 -19.13 -16.07
CA GLY A 133 34.32 -18.56 -17.30
C GLY A 133 33.98 -17.13 -17.68
N THR A 134 33.06 -16.50 -16.96
CA THR A 134 32.70 -15.13 -17.28
C THR A 134 32.84 -14.20 -16.07
N ALA A 135 32.83 -12.90 -16.34
CA ALA A 135 32.97 -11.92 -15.28
C ALA A 135 32.02 -10.76 -15.54
N SER A 136 31.08 -10.56 -14.62
CA SER A 136 30.14 -9.46 -14.76
C SER A 136 30.45 -8.46 -13.66
N VAL A 137 30.58 -7.20 -14.04
CA VAL A 137 30.87 -6.14 -13.08
C VAL A 137 29.66 -5.22 -13.14
N VAL A 138 29.04 -5.00 -11.98
CA VAL A 138 27.82 -4.18 -11.94
C VAL A 138 28.00 -2.84 -11.28
N CYS A 139 27.38 -1.83 -11.86
CA CYS A 139 27.43 -0.48 -11.32
C CYS A 139 26.02 -0.03 -11.03
N LEU A 140 25.77 0.43 -9.82
CA LEU A 140 24.44 0.88 -9.43
C LEU A 140 24.32 2.37 -9.14
N LEU A 141 23.34 3.00 -9.78
CA LEU A 141 23.07 4.41 -9.56
C LEU A 141 21.72 4.40 -8.86
N ASN A 142 21.71 4.77 -7.58
CA ASN A 142 20.49 4.74 -6.81
C ASN A 142 19.76 6.05 -6.49
N ASN A 143 18.44 6.01 -6.68
CA ASN A 143 17.52 7.12 -6.39
C ASN A 143 17.93 8.52 -6.87
N PHE A 144 17.75 8.77 -8.16
CA PHE A 144 18.11 10.07 -8.72
C PHE A 144 17.04 10.63 -9.64
N TYR A 145 17.16 11.94 -9.90
CA TYR A 145 16.25 12.68 -10.77
C TYR A 145 17.07 13.83 -11.33
N PRO A 146 16.92 14.17 -12.63
CA PRO A 146 16.04 13.54 -13.60
C PRO A 146 16.59 12.20 -14.10
N ARG A 147 15.81 11.56 -14.97
CA ARG A 147 16.17 10.26 -15.51
C ARG A 147 17.48 10.29 -16.32
N GLU A 148 17.72 11.37 -17.06
CA GLU A 148 18.94 11.50 -17.85
C GLU A 148 20.18 11.17 -17.03
N ALA A 149 20.97 10.20 -17.48
CA ALA A 149 22.18 9.80 -16.78
C ALA A 149 23.13 9.14 -17.76
N LYS A 150 24.42 9.32 -17.49
CA LYS A 150 25.49 8.77 -18.33
C LYS A 150 26.46 7.94 -17.50
N VAL A 151 26.67 6.71 -17.92
CA VAL A 151 27.57 5.79 -17.23
C VAL A 151 28.67 5.30 -18.17
N GLN A 152 29.91 5.45 -17.75
CA GLN A 152 31.06 5.03 -18.54
C GLN A 152 31.94 4.08 -17.76
N TRP A 153 32.24 2.94 -18.38
CA TRP A 153 33.10 1.95 -17.76
C TRP A 153 34.51 2.16 -18.27
N LYS A 154 35.49 2.00 -17.40
CA LYS A 154 36.90 2.14 -17.78
C LYS A 154 37.70 1.01 -17.16
N VAL A 155 38.40 0.26 -18.00
CA VAL A 155 39.23 -0.84 -17.52
C VAL A 155 40.66 -0.34 -17.70
N ASP A 156 41.37 -0.22 -16.58
CA ASP A 156 42.73 0.31 -16.62
C ASP A 156 42.62 1.63 -17.39
N ASN A 157 41.63 2.42 -16.97
CA ASN A 157 41.34 3.75 -17.53
C ASN A 157 41.10 3.81 -19.04
N ALA A 158 40.58 2.75 -19.62
CA ALA A 158 40.29 2.72 -21.05
C ALA A 158 38.78 2.57 -21.27
N LEU A 159 38.13 3.62 -21.74
CA LEU A 159 36.69 3.57 -21.96
C LEU A 159 36.26 2.37 -22.77
N GLN A 160 35.37 1.57 -22.17
CA GLN A 160 34.86 0.36 -22.81
C GLN A 160 33.71 0.72 -23.73
N SER A 161 33.33 -0.21 -24.60
CA SER A 161 32.24 0.03 -25.54
C SER A 161 31.68 -1.26 -26.13
N GLY A 162 30.37 -1.29 -26.32
CA GLY A 162 29.75 -2.46 -26.90
C GLY A 162 29.75 -3.69 -26.00
N ASN A 163 30.27 -3.55 -24.78
CA ASN A 163 30.29 -4.69 -23.86
C ASN A 163 29.65 -4.36 -22.50
N SER A 164 28.56 -3.61 -22.54
CA SER A 164 27.86 -3.25 -21.32
C SER A 164 26.40 -2.96 -21.66
N GLN A 165 25.53 -3.17 -20.67
CA GLN A 165 24.10 -2.91 -20.86
C GLN A 165 23.54 -2.33 -19.58
N GLU A 166 22.43 -1.62 -19.70
CA GLU A 166 21.83 -1.01 -18.54
C GLU A 166 20.31 -0.97 -18.64
N SER A 167 19.66 -0.88 -17.49
CA SER A 167 18.21 -0.78 -17.45
C SER A 167 17.90 0.20 -16.33
N VAL A 168 16.88 1.00 -16.55
CA VAL A 168 16.45 2.00 -15.59
C VAL A 168 15.11 1.57 -15.03
N THR A 169 14.95 1.65 -13.72
CA THR A 169 13.68 1.29 -13.09
C THR A 169 12.66 2.33 -13.48
N GLU A 170 11.40 1.98 -13.29
CA GLU A 170 10.28 2.87 -13.58
C GLU A 170 10.33 3.94 -12.48
N GLN A 171 9.77 5.12 -12.74
CA GLN A 171 9.78 6.19 -11.75
C GLN A 171 9.12 5.73 -10.45
N ASP A 172 9.82 5.85 -9.33
CA ASP A 172 9.31 5.43 -8.04
C ASP A 172 8.00 6.15 -7.63
N SER A 173 6.97 5.36 -7.36
CA SER A 173 5.66 5.88 -6.99
C SER A 173 5.63 6.60 -5.63
N LYS A 174 6.69 6.41 -4.86
CA LYS A 174 6.81 7.02 -3.54
C LYS A 174 7.59 8.34 -3.53
N ASP A 175 8.79 8.33 -4.07
CA ASP A 175 9.65 9.53 -4.09
C ASP A 175 10.01 10.07 -5.48
N SER A 176 9.34 9.58 -6.51
CA SER A 176 9.55 10.05 -7.87
C SER A 176 10.97 9.99 -8.46
N THR A 177 11.84 9.15 -7.91
CA THR A 177 13.21 9.05 -8.42
C THR A 177 13.40 7.81 -9.31
N TYR A 178 14.62 7.66 -9.85
CA TYR A 178 14.96 6.54 -10.70
C TYR A 178 16.21 5.89 -10.17
N SER A 179 16.41 4.64 -10.60
CA SER A 179 17.59 3.87 -10.24
C SER A 179 18.03 3.23 -11.53
N LEU A 180 19.32 3.03 -11.67
CA LEU A 180 19.86 2.45 -12.88
C LEU A 180 20.94 1.42 -12.56
N SER A 181 21.00 0.38 -13.38
CA SER A 181 21.99 -0.66 -13.21
C SER A 181 22.74 -0.86 -14.53
N SER A 182 24.05 -0.94 -14.44
CA SER A 182 24.86 -1.12 -15.64
C SER A 182 25.74 -2.34 -15.43
N THR A 183 25.80 -3.19 -16.44
CA THR A 183 26.58 -4.41 -16.35
C THR A 183 27.66 -4.51 -17.41
N LEU A 184 28.91 -4.66 -16.97
CA LEU A 184 30.03 -4.79 -17.87
C LEU A 184 30.37 -6.27 -17.86
N THR A 185 30.11 -6.95 -18.96
CA THR A 185 30.40 -8.38 -19.04
C THR A 185 31.70 -8.67 -19.80
N LEU A 186 32.55 -9.50 -19.22
CA LEU A 186 33.83 -9.86 -19.84
C LEU A 186 34.16 -11.33 -19.58
N SER A 187 35.00 -11.90 -20.44
CA SER A 187 35.41 -13.29 -20.28
C SER A 187 36.38 -13.35 -19.09
N LYS A 188 36.43 -14.49 -18.42
CA LYS A 188 37.33 -14.67 -17.29
C LYS A 188 38.72 -14.24 -17.73
N ALA A 189 39.11 -14.74 -18.90
CA ALA A 189 40.42 -14.45 -19.49
C ALA A 189 40.63 -12.94 -19.53
N ASP A 190 39.83 -12.25 -20.32
CA ASP A 190 39.93 -10.81 -20.44
C ASP A 190 40.02 -10.12 -19.08
N TYR A 191 39.09 -10.45 -18.19
CA TYR A 191 39.06 -9.84 -16.86
C TYR A 191 40.39 -9.93 -16.12
N GLU A 192 40.99 -11.12 -16.10
CA GLU A 192 42.25 -11.30 -15.40
C GLU A 192 43.44 -10.63 -16.10
N LYS A 193 43.19 -10.06 -17.27
CA LYS A 193 44.23 -9.38 -18.02
C LYS A 193 44.42 -7.95 -17.50
N HIS A 194 43.37 -7.38 -16.92
CA HIS A 194 43.41 -6.02 -16.42
C HIS A 194 43.33 -5.95 -14.89
N LYS A 195 43.63 -4.78 -14.32
CA LYS A 195 43.63 -4.64 -12.87
C LYS A 195 42.58 -3.70 -12.28
N VAL A 196 42.42 -2.53 -12.87
CA VAL A 196 41.45 -1.57 -12.35
C VAL A 196 40.16 -1.47 -13.14
N TYR A 197 39.04 -1.69 -12.43
CA TYR A 197 37.72 -1.59 -13.03
C TYR A 197 36.97 -0.43 -12.41
N ALA A 198 36.53 0.50 -13.24
CA ALA A 198 35.83 1.68 -12.72
C ALA A 198 34.58 2.07 -13.49
N CYS A 199 33.66 2.68 -12.75
CA CYS A 199 32.39 3.15 -13.26
C CYS A 199 32.45 4.66 -13.06
N GLU A 200 32.16 5.43 -14.11
CA GLU A 200 32.21 6.88 -14.01
C GLU A 200 30.81 7.43 -14.31
N VAL A 201 30.27 8.19 -13.38
CA VAL A 201 28.92 8.74 -13.52
C VAL A 201 28.79 10.25 -13.62
N THR A 202 27.99 10.69 -14.59
CA THR A 202 27.73 12.10 -14.80
C THR A 202 26.21 12.32 -14.80
N HIS A 203 25.74 13.19 -13.91
CA HIS A 203 24.32 13.47 -13.78
C HIS A 203 24.21 14.93 -13.37
N GLN A 204 23.25 15.66 -13.92
CA GLN A 204 23.13 17.08 -13.58
C GLN A 204 23.01 17.37 -12.10
N GLY A 205 23.04 16.33 -11.27
CA GLY A 205 22.95 16.52 -9.83
C GLY A 205 24.34 16.44 -9.21
N LEU A 206 25.32 16.09 -10.03
CA LEU A 206 26.69 16.00 -9.55
C LEU A 206 27.45 17.23 -10.05
N SER A 207 28.24 17.87 -9.18
CA SER A 207 28.99 19.04 -9.59
C SER A 207 29.96 18.62 -10.68
N SER A 208 30.58 17.45 -10.48
CA SER A 208 31.52 16.88 -11.43
C SER A 208 31.40 15.36 -11.33
N PRO A 209 31.69 14.64 -12.44
CA PRO A 209 31.61 13.18 -12.49
C PRO A 209 32.16 12.43 -11.27
N VAL A 210 31.45 11.40 -10.86
CA VAL A 210 31.85 10.58 -9.72
C VAL A 210 32.34 9.25 -10.27
N THR A 211 33.38 8.71 -9.66
CA THR A 211 33.93 7.44 -10.11
C THR A 211 34.04 6.45 -8.97
N LYS A 212 33.60 5.23 -9.24
CA LYS A 212 33.69 4.14 -8.26
C LYS A 212 34.53 3.07 -8.92
N SER A 213 35.39 2.41 -8.15
CA SER A 213 36.25 1.39 -8.71
C SER A 213 36.85 0.48 -7.67
N PHE A 214 37.50 -0.57 -8.16
CA PHE A 214 38.18 -1.54 -7.33
C PHE A 214 39.27 -2.16 -8.18
N ASN A 215 40.18 -2.90 -7.58
CA ASN A 215 41.25 -3.55 -8.34
C ASN A 215 41.02 -5.06 -8.31
N ARG A 216 41.06 -5.70 -9.47
CA ARG A 216 40.88 -7.13 -9.51
C ARG A 216 41.78 -7.68 -8.43
N GLY A 217 41.27 -8.59 -7.60
CA GLY A 217 42.08 -9.13 -6.54
C GLY A 217 42.02 -8.36 -5.24
N GLU A 218 41.73 -7.06 -5.27
CA GLU A 218 41.64 -6.28 -4.04
C GLU A 218 40.48 -6.84 -3.21
N CYS A 219 39.37 -7.10 -3.90
CA CYS A 219 38.19 -7.67 -3.27
C CYS A 219 38.00 -9.06 -3.88
N GLN B 1 -14.32 -6.90 -4.29
CA GLN B 1 -15.54 -7.73 -4.40
C GLN B 1 -15.33 -8.90 -5.36
N VAL B 2 -15.31 -8.61 -6.66
CA VAL B 2 -15.09 -9.65 -7.65
C VAL B 2 -13.65 -9.60 -8.13
N GLN B 3 -13.11 -10.74 -8.54
CA GLN B 3 -11.73 -10.77 -9.03
C GLN B 3 -11.44 -11.90 -10.00
N LEU B 4 -10.87 -11.53 -11.14
CA LEU B 4 -10.53 -12.47 -12.22
C LEU B 4 -9.07 -12.91 -12.17
N GLN B 5 -8.84 -14.21 -12.17
CA GLN B 5 -7.49 -14.74 -12.17
C GLN B 5 -7.24 -15.38 -13.53
N GLN B 6 -6.09 -15.08 -14.12
CA GLN B 6 -5.76 -15.62 -15.43
C GLN B 6 -4.65 -16.66 -15.33
N SER B 7 -4.52 -17.48 -16.37
CA SER B 7 -3.47 -18.50 -16.39
C SER B 7 -2.11 -17.82 -16.55
N GLY B 8 -1.06 -18.53 -16.12
CA GLY B 8 0.29 -18.00 -16.17
C GLY B 8 0.92 -17.65 -17.50
N PRO B 9 2.14 -17.11 -17.48
CA PRO B 9 2.89 -16.71 -18.69
C PRO B 9 3.14 -17.92 -19.58
N GLU B 10 3.14 -17.71 -20.90
CA GLU B 10 3.35 -18.80 -21.83
C GLU B 10 4.41 -18.54 -22.88
N LEU B 11 5.09 -19.60 -23.29
CA LEU B 11 6.10 -19.53 -24.33
C LEU B 11 5.69 -20.50 -25.41
N LYS B 12 5.48 -19.98 -26.62
CA LYS B 12 5.09 -20.79 -27.77
C LYS B 12 5.95 -20.44 -28.97
N LYS B 13 6.07 -21.39 -29.89
CA LYS B 13 6.84 -21.18 -31.10
C LYS B 13 5.89 -20.64 -32.15
N PRO B 14 6.40 -19.94 -33.17
CA PRO B 14 5.55 -19.41 -34.21
C PRO B 14 4.78 -20.55 -34.87
N GLY B 15 3.57 -20.26 -35.36
CA GLY B 15 2.77 -21.30 -35.98
C GLY B 15 1.95 -22.11 -34.98
N GLU B 16 2.33 -22.10 -33.71
CA GLU B 16 1.57 -22.85 -32.73
C GLU B 16 0.32 -22.09 -32.29
N THR B 17 -0.40 -22.69 -31.35
CA THR B 17 -1.61 -22.08 -30.82
C THR B 17 -1.45 -22.04 -29.32
N VAL B 18 -2.08 -21.08 -28.67
CA VAL B 18 -2.00 -20.96 -27.23
C VAL B 18 -3.42 -20.75 -26.70
N LYS B 19 -3.70 -21.24 -25.49
CA LYS B 19 -5.02 -21.09 -24.90
C LYS B 19 -4.89 -20.54 -23.49
N ILE B 20 -5.44 -19.35 -23.25
CA ILE B 20 -5.36 -18.73 -21.92
C ILE B 20 -6.72 -18.71 -21.20
N SER B 21 -6.69 -18.83 -19.88
CA SER B 21 -7.92 -18.86 -19.08
C SER B 21 -8.14 -17.64 -18.18
N CYS B 22 -9.41 -17.35 -17.91
CA CYS B 22 -9.82 -16.25 -17.05
C CYS B 22 -10.94 -16.76 -16.16
N LYS B 23 -10.72 -16.75 -14.84
CA LYS B 23 -11.70 -17.23 -13.88
C LYS B 23 -12.19 -16.17 -12.88
N THR B 24 -13.50 -16.06 -12.71
CA THR B 24 -14.09 -15.09 -11.80
C THR B 24 -14.12 -15.58 -10.35
N SER B 25 -14.31 -14.67 -9.41
CA SER B 25 -14.40 -15.02 -7.99
C SER B 25 -15.89 -15.23 -7.71
N GLY B 26 -16.71 -14.56 -8.51
CA GLY B 26 -18.15 -14.71 -8.38
C GLY B 26 -18.48 -16.06 -8.99
N TYR B 27 -19.74 -16.45 -8.97
CA TYR B 27 -20.09 -17.75 -9.53
C TYR B 27 -20.37 -17.74 -11.02
N SER B 28 -20.15 -16.60 -11.66
CA SER B 28 -20.38 -16.49 -13.08
C SER B 28 -20.14 -15.06 -13.52
N PHE B 29 -20.01 -14.87 -14.83
CA PHE B 29 -19.79 -13.55 -15.37
C PHE B 29 -21.13 -12.83 -15.48
N THR B 30 -21.12 -11.56 -15.13
CA THR B 30 -22.31 -10.73 -15.16
C THR B 30 -23.05 -10.74 -16.50
N ASN B 31 -24.17 -10.03 -16.51
CA ASN B 31 -25.02 -9.92 -17.69
C ASN B 31 -24.36 -9.19 -18.86
N TYR B 32 -23.39 -8.33 -18.56
CA TYR B 32 -22.71 -7.58 -19.61
C TYR B 32 -21.72 -8.41 -20.43
N GLY B 33 -21.26 -9.52 -19.87
CA GLY B 33 -20.34 -10.35 -20.63
C GLY B 33 -18.89 -10.25 -20.20
N MET B 34 -17.99 -10.37 -21.17
CA MET B 34 -16.56 -10.32 -20.90
C MET B 34 -15.77 -9.74 -22.07
N ASN B 35 -14.67 -9.06 -21.76
CA ASN B 35 -13.82 -8.43 -22.76
C ASN B 35 -12.37 -8.88 -22.71
N TRP B 36 -11.72 -8.88 -23.87
CA TRP B 36 -10.31 -9.24 -23.95
C TRP B 36 -9.56 -8.04 -24.50
N VAL B 37 -8.42 -7.74 -23.89
CA VAL B 37 -7.62 -6.60 -24.32
C VAL B 37 -6.16 -7.00 -24.53
N LYS B 38 -5.56 -6.48 -25.58
CA LYS B 38 -4.16 -6.80 -25.88
C LYS B 38 -3.20 -5.63 -25.65
N GLN B 39 -2.01 -5.95 -25.16
CA GLN B 39 -1.00 -4.93 -24.95
C GLN B 39 0.41 -5.45 -25.25
N ALA B 40 0.89 -5.11 -26.45
CA ALA B 40 2.22 -5.51 -26.87
C ALA B 40 3.23 -4.79 -25.96
N PRO B 41 4.41 -5.37 -25.77
CA PRO B 41 5.42 -4.74 -24.92
C PRO B 41 5.62 -3.25 -25.23
N GLY B 42 5.57 -2.42 -24.20
CA GLY B 42 5.74 -0.98 -24.37
C GLY B 42 4.72 -0.26 -25.24
N LYS B 43 3.63 -0.92 -25.60
CA LYS B 43 2.63 -0.27 -26.44
C LYS B 43 1.32 0.00 -25.70
N GLY B 44 0.33 0.52 -26.41
CA GLY B 44 -0.94 0.85 -25.78
C GLY B 44 -1.94 -0.29 -25.64
N LEU B 45 -3.10 0.03 -25.09
CA LEU B 45 -4.18 -0.93 -24.89
C LEU B 45 -4.98 -1.03 -26.18
N LYS B 46 -5.38 -2.24 -26.54
CA LYS B 46 -6.15 -2.43 -27.76
C LYS B 46 -7.25 -3.46 -27.52
N TRP B 47 -8.50 -3.02 -27.70
CA TRP B 47 -9.65 -3.89 -27.50
C TRP B 47 -9.67 -5.00 -28.54
N MET B 48 -9.72 -6.25 -28.08
CA MET B 48 -9.75 -7.39 -28.99
C MET B 48 -11.18 -7.76 -29.38
N GLY B 49 -12.08 -7.71 -28.40
CA GLY B 49 -13.49 -8.03 -28.63
C GLY B 49 -14.16 -8.56 -27.38
N TRP B 50 -15.40 -9.00 -27.50
CA TRP B 50 -16.10 -9.52 -26.32
C TRP B 50 -16.96 -10.74 -26.61
N ILE B 51 -17.34 -11.43 -25.55
CA ILE B 51 -18.17 -12.61 -25.67
C ILE B 51 -19.37 -12.49 -24.73
N ASN B 52 -20.54 -12.82 -25.25
CA ASN B 52 -21.76 -12.75 -24.46
C ASN B 52 -21.77 -13.89 -23.44
N THR B 53 -21.99 -13.55 -22.18
CA THR B 53 -22.01 -14.55 -21.11
C THR B 53 -23.11 -15.59 -21.21
N TYR B 54 -24.27 -15.21 -21.77
CA TYR B 54 -25.38 -16.14 -21.89
C TYR B 54 -25.39 -16.86 -23.23
N THR B 55 -25.49 -16.09 -24.31
CA THR B 55 -25.52 -16.65 -25.65
C THR B 55 -24.18 -17.28 -26.07
N GLY B 56 -23.12 -16.98 -25.31
CA GLY B 56 -21.82 -17.52 -25.64
C GLY B 56 -21.36 -17.03 -27.00
N GLU B 57 -22.14 -16.12 -27.56
CA GLU B 57 -21.86 -15.54 -28.87
C GLU B 57 -20.76 -14.48 -28.76
N PRO B 58 -19.59 -14.74 -29.36
CA PRO B 58 -18.45 -13.83 -29.33
C PRO B 58 -18.47 -12.82 -30.48
N THR B 59 -17.88 -11.66 -30.26
CA THR B 59 -17.81 -10.62 -31.27
C THR B 59 -16.35 -10.17 -31.33
N TYR B 60 -15.76 -10.20 -32.52
CA TYR B 60 -14.36 -9.83 -32.67
C TYR B 60 -14.12 -8.48 -33.32
N ALA B 61 -13.15 -7.74 -32.79
CA ALA B 61 -12.79 -6.44 -33.34
C ALA B 61 -12.14 -6.68 -34.68
N ASP B 62 -12.26 -5.70 -35.57
CA ASP B 62 -11.71 -5.80 -36.91
C ASP B 62 -10.32 -6.42 -37.03
N ASP B 63 -9.36 -5.90 -36.29
CA ASP B 63 -7.99 -6.42 -36.38
C ASP B 63 -7.78 -7.75 -35.70
N PHE B 64 -8.86 -8.42 -35.30
CA PHE B 64 -8.73 -9.71 -34.65
C PHE B 64 -9.72 -10.75 -35.16
N ARG B 65 -9.72 -10.94 -36.47
CA ARG B 65 -10.60 -11.93 -37.07
C ARG B 65 -9.73 -13.12 -37.44
N GLY B 66 -10.38 -14.20 -37.87
CA GLY B 66 -9.66 -15.40 -38.28
C GLY B 66 -8.91 -16.19 -37.23
N ARG B 67 -7.81 -15.63 -36.73
CA ARG B 67 -6.95 -16.34 -35.79
C ARG B 67 -7.32 -16.34 -34.30
N PHE B 68 -8.36 -15.64 -33.90
CA PHE B 68 -8.72 -15.60 -32.48
C PHE B 68 -10.12 -16.13 -32.15
N ALA B 69 -10.25 -16.80 -31.02
CA ALA B 69 -11.55 -17.35 -30.63
C ALA B 69 -11.85 -17.25 -29.13
N PHE B 70 -12.98 -16.66 -28.80
CA PHE B 70 -13.37 -16.53 -27.40
C PHE B 70 -14.34 -17.67 -27.13
N SER B 71 -14.17 -18.35 -26.01
CA SER B 71 -15.06 -19.45 -25.70
C SER B 71 -15.49 -19.42 -24.25
N LEU B 72 -16.70 -19.89 -24.00
CA LEU B 72 -17.23 -19.92 -22.65
C LEU B 72 -17.29 -21.35 -22.16
N ALA B 73 -16.55 -21.63 -21.09
CA ALA B 73 -16.53 -22.95 -20.48
C ALA B 73 -17.36 -22.82 -19.22
N THR B 74 -18.60 -22.35 -19.38
CA THR B 74 -19.54 -22.16 -18.28
C THR B 74 -19.44 -23.29 -17.24
N SER B 75 -18.91 -24.42 -17.68
CA SER B 75 -18.72 -25.61 -16.85
C SER B 75 -18.14 -25.24 -15.48
N ALA B 76 -17.58 -24.04 -15.38
CA ALA B 76 -17.00 -23.55 -14.13
C ALA B 76 -16.77 -22.03 -14.22
N SER B 77 -17.73 -21.34 -14.82
CA SER B 77 -17.65 -19.87 -14.99
C SER B 77 -16.23 -19.46 -15.36
N THR B 78 -15.76 -20.01 -16.48
CA THR B 78 -14.42 -19.73 -16.97
C THR B 78 -14.51 -19.33 -18.43
N ALA B 79 -13.62 -18.44 -18.85
CA ALA B 79 -13.60 -17.99 -20.23
C ALA B 79 -12.21 -18.27 -20.82
N TYR B 80 -12.15 -18.47 -22.12
CA TYR B 80 -10.90 -18.78 -22.78
C TYR B 80 -10.65 -17.93 -24.00
N LEU B 81 -9.38 -17.61 -24.23
CA LEU B 81 -8.98 -16.84 -25.41
C LEU B 81 -8.00 -17.74 -26.11
N GLN B 82 -8.26 -18.00 -27.39
CA GLN B 82 -7.39 -18.87 -28.16
C GLN B 82 -6.87 -18.15 -29.39
N ILE B 83 -5.58 -18.34 -29.65
CA ILE B 83 -4.94 -17.74 -30.81
C ILE B 83 -4.21 -18.87 -31.53
N ILE B 84 -4.45 -18.99 -32.83
CA ILE B 84 -3.78 -20.02 -33.62
C ILE B 84 -2.74 -19.38 -34.54
N ASN B 85 -1.87 -20.21 -35.11
CA ASN B 85 -0.84 -19.74 -36.02
C ASN B 85 -0.13 -18.53 -35.43
N LEU B 86 0.37 -18.70 -34.21
CA LEU B 86 1.06 -17.61 -33.52
C LEU B 86 2.19 -16.96 -34.33
N LYS B 87 2.18 -15.63 -34.33
CA LYS B 87 3.18 -14.82 -35.03
C LYS B 87 3.94 -13.98 -33.98
N ASN B 88 4.99 -13.28 -34.39
CA ASN B 88 5.74 -12.46 -33.46
C ASN B 88 4.88 -11.32 -32.94
N GLU B 89 4.05 -10.77 -33.82
CA GLU B 89 3.18 -9.67 -33.45
C GLU B 89 2.17 -10.07 -32.36
N ASP B 90 2.06 -11.35 -32.05
CA ASP B 90 1.12 -11.78 -31.00
C ASP B 90 1.79 -11.69 -29.63
N THR B 91 3.11 -11.52 -29.62
CA THR B 91 3.84 -11.41 -28.37
C THR B 91 3.28 -10.22 -27.60
N ALA B 92 2.60 -10.49 -26.50
CA ALA B 92 2.00 -9.42 -25.72
C ALA B 92 1.40 -9.96 -24.44
N THR B 93 0.77 -9.06 -23.69
CA THR B 93 0.10 -9.45 -22.46
C THR B 93 -1.37 -9.35 -22.80
N TYR B 94 -2.13 -10.40 -22.48
CA TYR B 94 -3.55 -10.38 -22.77
C TYR B 94 -4.35 -10.22 -21.47
N PHE B 95 -5.20 -9.20 -21.44
CA PHE B 95 -6.02 -8.91 -20.27
C PHE B 95 -7.47 -9.32 -20.48
N CYS B 96 -8.10 -9.81 -19.43
CA CYS B 96 -9.52 -10.15 -19.50
C CYS B 96 -10.22 -9.22 -18.50
N GLU B 97 -11.41 -8.77 -18.88
CA GLU B 97 -12.16 -7.87 -18.04
C GLU B 97 -13.65 -8.13 -18.15
N THR B 98 -14.38 -7.72 -17.12
CA THR B 98 -15.82 -7.90 -17.07
C THR B 98 -16.36 -6.82 -16.14
N TYR B 99 -17.61 -6.42 -16.34
CA TYR B 99 -18.18 -5.38 -15.48
C TYR B 99 -19.67 -5.56 -15.26
N ASP B 100 -20.13 -5.22 -14.06
CA ASP B 100 -21.55 -5.34 -13.75
C ASP B 100 -22.24 -3.98 -13.69
N SER B 101 -21.46 -2.91 -13.80
CA SER B 101 -22.00 -1.55 -13.75
C SER B 101 -20.87 -0.54 -13.80
N PRO B 102 -21.20 0.75 -13.92
CA PRO B 102 -20.16 1.77 -13.97
C PRO B 102 -19.15 1.63 -12.83
N LEU B 103 -19.64 1.28 -11.64
CA LEU B 103 -18.77 1.14 -10.48
C LEU B 103 -18.16 -0.24 -10.29
N GLY B 104 -18.68 -1.22 -11.03
CA GLY B 104 -18.16 -2.57 -10.92
C GLY B 104 -17.35 -2.96 -12.14
N ASP B 105 -16.05 -2.66 -12.13
CA ASP B 105 -15.15 -2.98 -13.24
C ASP B 105 -14.03 -3.87 -12.72
N TYR B 106 -13.98 -5.10 -13.20
CA TYR B 106 -12.98 -6.06 -12.74
C TYR B 106 -12.01 -6.53 -13.83
N TRP B 107 -10.72 -6.50 -13.51
CA TRP B 107 -9.67 -6.89 -14.46
C TRP B 107 -8.79 -8.03 -13.99
N GLY B 108 -8.31 -8.82 -14.94
CA GLY B 108 -7.39 -9.89 -14.59
C GLY B 108 -6.02 -9.24 -14.70
N GLN B 109 -5.00 -9.85 -14.08
CA GLN B 109 -3.64 -9.31 -14.13
C GLN B 109 -2.95 -9.60 -15.46
N GLY B 110 -3.71 -10.10 -16.42
CA GLY B 110 -3.15 -10.40 -17.73
C GLY B 110 -2.24 -11.61 -17.84
N THR B 111 -2.22 -12.20 -19.03
CA THR B 111 -1.38 -13.36 -19.26
C THR B 111 -0.34 -12.97 -20.30
N THR B 112 0.92 -13.00 -19.90
CA THR B 112 2.00 -12.64 -20.79
C THR B 112 2.36 -13.80 -21.75
N VAL B 113 2.17 -13.57 -23.04
CA VAL B 113 2.45 -14.56 -24.06
C VAL B 113 3.68 -14.20 -24.89
N THR B 114 4.64 -15.11 -24.97
CA THR B 114 5.85 -14.85 -25.75
C THR B 114 6.03 -15.83 -26.92
N VAL B 115 6.08 -15.29 -28.13
CA VAL B 115 6.25 -16.08 -29.34
C VAL B 115 7.73 -16.06 -29.77
N SER B 116 8.39 -17.20 -29.71
CA SER B 116 9.79 -17.27 -30.08
C SER B 116 10.27 -18.70 -30.28
N SER B 117 11.36 -18.85 -31.05
CA SER B 117 11.95 -20.17 -31.34
C SER B 117 12.95 -20.59 -30.27
N ALA B 118 13.33 -19.63 -29.43
CA ALA B 118 14.31 -19.88 -28.37
C ALA B 118 13.81 -20.87 -27.34
N SER B 119 14.74 -21.65 -26.83
CA SER B 119 14.45 -22.68 -25.84
C SER B 119 14.45 -22.11 -24.43
N THR B 120 13.66 -22.72 -23.55
CA THR B 120 13.55 -22.30 -22.16
C THR B 120 14.86 -22.60 -21.48
N LYS B 121 15.29 -21.72 -20.59
CA LYS B 121 16.54 -21.89 -19.87
C LYS B 121 16.55 -21.14 -18.54
N GLY B 122 16.72 -21.89 -17.46
CA GLY B 122 16.75 -21.31 -16.14
C GLY B 122 17.97 -20.43 -15.95
N PRO B 123 17.90 -19.47 -15.02
CA PRO B 123 19.00 -18.56 -14.75
C PRO B 123 20.01 -19.05 -13.73
N SER B 124 21.16 -18.39 -13.69
CA SER B 124 22.18 -18.68 -12.71
C SER B 124 22.06 -17.45 -11.82
N VAL B 125 22.18 -17.64 -10.52
CA VAL B 125 22.06 -16.52 -9.58
C VAL B 125 23.40 -16.25 -8.90
N PHE B 126 23.98 -15.09 -9.17
CA PHE B 126 25.28 -14.73 -8.60
C PHE B 126 25.13 -13.63 -7.56
N PRO B 127 25.87 -13.72 -6.45
CA PRO B 127 25.77 -12.70 -5.41
C PRO B 127 26.45 -11.37 -5.81
N LEU B 128 25.86 -10.26 -5.38
CA LEU B 128 26.38 -8.91 -5.60
C LEU B 128 26.72 -8.45 -4.18
N ALA B 129 27.83 -8.96 -3.67
CA ALA B 129 28.30 -8.70 -2.32
C ALA B 129 28.48 -7.26 -1.88
N PRO B 130 28.10 -6.96 -0.63
CA PRO B 130 28.26 -5.60 -0.13
C PRO B 130 29.69 -5.47 0.40
N SER B 131 30.30 -4.32 0.18
CA SER B 131 31.67 -4.10 0.65
C SER B 131 31.92 -2.61 0.65
N SER B 132 33.15 -2.24 0.96
CA SER B 132 33.56 -0.85 0.99
C SER B 132 33.21 -0.15 -0.31
N LYS B 133 33.20 -0.90 -1.41
CA LYS B 133 32.91 -0.31 -2.72
C LYS B 133 31.42 -0.11 -2.98
N SER B 134 30.56 -0.68 -2.14
CA SER B 134 29.12 -0.52 -2.31
C SER B 134 28.50 0.10 -1.05
N THR B 135 29.30 0.88 -0.35
CA THR B 135 28.86 1.55 0.87
C THR B 135 29.04 3.05 0.78
N SER B 136 28.09 3.78 1.36
CA SER B 136 28.14 5.23 1.40
C SER B 136 27.32 5.68 2.61
N GLY B 137 27.97 6.41 3.52
CA GLY B 137 27.30 6.87 4.70
C GLY B 137 27.08 5.67 5.61
N GLY B 138 25.83 5.45 6.00
CA GLY B 138 25.54 4.31 6.85
C GLY B 138 24.79 3.26 6.05
N THR B 139 24.69 3.48 4.74
CA THR B 139 23.97 2.57 3.87
C THR B 139 24.88 1.67 3.03
N ALA B 140 24.57 0.38 3.02
CA ALA B 140 25.34 -0.59 2.23
C ALA B 140 24.41 -1.17 1.18
N ALA B 141 24.90 -1.30 -0.04
CA ALA B 141 24.08 -1.87 -1.11
C ALA B 141 24.57 -3.28 -1.39
N LEU B 142 23.63 -4.17 -1.68
CA LEU B 142 23.93 -5.57 -1.96
C LEU B 142 22.84 -6.11 -2.89
N GLY B 143 23.12 -7.22 -3.57
CA GLY B 143 22.11 -7.76 -4.46
C GLY B 143 22.40 -9.12 -5.06
N CYS B 144 21.67 -9.41 -6.13
CA CYS B 144 21.78 -10.68 -6.84
C CYS B 144 21.70 -10.42 -8.32
N LEU B 145 22.53 -11.14 -9.06
CA LEU B 145 22.55 -11.01 -10.51
C LEU B 145 21.95 -12.31 -11.06
N VAL B 146 20.79 -12.18 -11.72
CA VAL B 146 20.09 -13.31 -12.29
C VAL B 146 20.44 -13.29 -13.78
N LYS B 147 21.40 -14.09 -14.17
CA LYS B 147 21.88 -14.09 -15.54
C LYS B 147 21.59 -15.29 -16.43
N ASP B 148 21.39 -15.00 -17.71
CA ASP B 148 21.17 -16.00 -18.75
C ASP B 148 19.95 -16.88 -18.60
N TYR B 149 18.78 -16.30 -18.83
CA TYR B 149 17.56 -17.05 -18.73
C TYR B 149 16.64 -16.70 -19.87
N PHE B 150 15.62 -17.53 -20.07
CA PHE B 150 14.64 -17.34 -21.14
C PHE B 150 13.49 -18.33 -20.88
N PRO B 151 12.25 -17.90 -21.06
CA PRO B 151 11.86 -16.55 -21.46
C PRO B 151 11.56 -15.76 -20.17
N GLU B 152 10.92 -14.61 -20.29
CA GLU B 152 10.53 -13.82 -19.13
C GLU B 152 9.32 -14.60 -18.61
N PRO B 153 8.93 -14.42 -17.34
CA PRO B 153 9.54 -13.54 -16.35
C PRO B 153 10.21 -14.26 -15.20
N VAL B 154 10.89 -13.47 -14.38
CA VAL B 154 11.58 -13.93 -13.19
C VAL B 154 11.05 -13.04 -12.08
N THR B 155 10.91 -13.58 -10.88
CA THR B 155 10.45 -12.75 -9.76
C THR B 155 11.53 -12.89 -8.74
N VAL B 156 11.76 -11.85 -7.95
CA VAL B 156 12.78 -11.88 -6.93
C VAL B 156 12.18 -11.27 -5.67
N SER B 157 12.45 -11.90 -4.54
CA SER B 157 11.98 -11.39 -3.27
C SER B 157 13.18 -11.51 -2.35
N TRP B 158 13.17 -10.78 -1.24
CA TRP B 158 14.28 -10.84 -0.30
C TRP B 158 13.88 -11.40 1.04
N ASN B 159 14.69 -12.31 1.56
CA ASN B 159 14.39 -12.94 2.83
C ASN B 159 12.92 -13.31 2.87
N SER B 160 12.55 -14.17 1.93
CA SER B 160 11.19 -14.68 1.79
C SER B 160 10.10 -13.63 1.93
N GLY B 161 10.40 -12.39 1.55
CA GLY B 161 9.41 -11.34 1.63
C GLY B 161 9.56 -10.39 2.80
N ALA B 162 10.35 -10.80 3.79
CA ALA B 162 10.58 -9.96 4.97
C ALA B 162 11.22 -8.61 4.65
N LEU B 163 12.18 -8.60 3.72
CA LEU B 163 12.85 -7.36 3.34
C LEU B 163 12.29 -6.87 2.02
N THR B 164 11.69 -5.69 2.03
CA THR B 164 11.14 -5.17 0.80
C THR B 164 11.40 -3.68 0.67
N SER B 165 11.87 -3.09 1.76
CA SER B 165 12.15 -1.66 1.75
C SER B 165 13.49 -1.38 1.09
N GLY B 166 13.49 -0.44 0.15
CA GLY B 166 14.71 -0.12 -0.55
C GLY B 166 15.14 -1.19 -1.53
N VAL B 167 14.18 -2.00 -1.96
CA VAL B 167 14.47 -3.07 -2.91
C VAL B 167 14.24 -2.53 -4.32
N HIS B 168 15.19 -2.77 -5.21
CA HIS B 168 15.06 -2.33 -6.59
C HIS B 168 15.38 -3.47 -7.54
N THR B 169 14.36 -4.01 -8.19
CA THR B 169 14.54 -5.09 -9.15
C THR B 169 14.37 -4.45 -10.52
N PHE B 170 15.47 -4.37 -11.25
CA PHE B 170 15.48 -3.73 -12.56
C PHE B 170 14.86 -4.54 -13.69
N PRO B 171 14.44 -3.85 -14.76
CA PRO B 171 13.84 -4.52 -15.92
C PRO B 171 14.95 -5.34 -16.57
N ALA B 172 14.65 -6.58 -16.96
CA ALA B 172 15.67 -7.43 -17.57
C ALA B 172 16.12 -6.91 -18.93
N VAL B 173 17.40 -7.10 -19.24
CA VAL B 173 17.95 -6.68 -20.53
C VAL B 173 18.15 -7.92 -21.38
N LEU B 174 18.01 -7.79 -22.69
CA LEU B 174 18.20 -8.92 -23.58
C LEU B 174 19.63 -8.83 -24.11
N GLN B 175 20.43 -9.84 -23.79
CA GLN B 175 21.82 -9.88 -24.21
C GLN B 175 21.92 -10.40 -25.65
N SER B 176 23.07 -10.13 -26.27
CA SER B 176 23.32 -10.55 -27.66
C SER B 176 23.12 -12.05 -27.83
N SER B 177 23.19 -12.79 -26.73
CA SER B 177 23.02 -14.24 -26.76
C SER B 177 21.55 -14.61 -26.88
N GLY B 178 20.67 -13.61 -26.79
CA GLY B 178 19.25 -13.85 -26.88
C GLY B 178 18.69 -14.24 -25.52
N LEU B 179 19.57 -14.36 -24.52
CA LEU B 179 19.15 -14.71 -23.17
C LEU B 179 19.02 -13.43 -22.36
N TYR B 180 18.12 -13.44 -21.38
CA TYR B 180 17.93 -12.27 -20.55
C TYR B 180 18.85 -12.27 -19.36
N SER B 181 18.96 -11.11 -18.74
CA SER B 181 19.78 -10.93 -17.55
C SER B 181 19.14 -9.81 -16.75
N LEU B 182 19.20 -9.92 -15.43
CA LEU B 182 18.56 -8.95 -14.55
C LEU B 182 19.26 -8.90 -13.21
N SER B 183 19.11 -7.79 -12.51
CA SER B 183 19.75 -7.66 -11.21
C SER B 183 18.75 -7.12 -10.21
N SER B 184 18.87 -7.55 -8.96
CA SER B 184 17.99 -7.06 -7.90
C SER B 184 18.90 -6.67 -6.74
N VAL B 185 18.79 -5.41 -6.32
CA VAL B 185 19.61 -4.89 -5.23
C VAL B 185 18.75 -4.27 -4.13
N VAL B 186 19.34 -4.12 -2.94
CA VAL B 186 18.65 -3.52 -1.80
C VAL B 186 19.68 -2.79 -0.93
N THR B 187 19.27 -1.66 -0.37
CA THR B 187 20.15 -0.91 0.53
C THR B 187 19.72 -1.19 1.95
N VAL B 188 20.65 -1.67 2.76
CA VAL B 188 20.36 -1.99 4.15
C VAL B 188 21.43 -1.42 5.06
N PRO B 189 21.03 -0.98 6.26
CA PRO B 189 21.95 -0.42 7.25
C PRO B 189 23.30 -1.12 7.21
N SER B 190 24.35 -0.32 7.06
CA SER B 190 25.72 -0.84 6.97
C SER B 190 26.11 -1.71 8.17
N SER B 191 25.74 -1.26 9.37
CA SER B 191 26.06 -2.01 10.58
C SER B 191 25.29 -3.33 10.63
N SER B 192 24.05 -3.32 10.13
CA SER B 192 23.24 -4.53 10.11
C SER B 192 23.78 -5.54 9.09
N LEU B 193 25.10 -5.60 8.97
CA LEU B 193 25.76 -6.54 8.08
C LEU B 193 26.54 -7.48 8.98
N GLY B 194 26.23 -7.40 10.26
CA GLY B 194 26.87 -8.24 11.25
C GLY B 194 25.82 -8.80 12.18
N THR B 195 24.60 -8.27 12.05
CA THR B 195 23.46 -8.68 12.86
C THR B 195 22.37 -9.37 12.02
N GLN B 196 22.41 -9.19 10.70
CA GLN B 196 21.40 -9.81 9.85
C GLN B 196 21.91 -10.68 8.69
N THR B 197 21.02 -11.53 8.19
CA THR B 197 21.31 -12.43 7.08
C THR B 197 20.50 -11.98 5.87
N TYR B 198 21.11 -12.07 4.69
CA TYR B 198 20.44 -11.64 3.47
C TYR B 198 20.43 -12.69 2.38
N ILE B 199 19.24 -13.07 1.93
CA ILE B 199 19.08 -14.07 0.89
C ILE B 199 18.07 -13.63 -0.16
N CYS B 200 18.41 -13.79 -1.43
CA CYS B 200 17.47 -13.43 -2.47
C CYS B 200 16.80 -14.73 -2.94
N ASN B 201 15.50 -14.68 -3.17
CA ASN B 201 14.75 -15.86 -3.59
C ASN B 201 14.33 -15.60 -5.00
N VAL B 202 14.91 -16.33 -5.93
CA VAL B 202 14.63 -16.20 -7.35
C VAL B 202 13.71 -17.33 -7.80
N ASN B 203 12.72 -16.99 -8.61
CA ASN B 203 11.77 -17.97 -9.08
C ASN B 203 11.55 -17.77 -10.57
N HIS B 204 11.88 -18.78 -11.36
CA HIS B 204 11.70 -18.71 -12.81
C HIS B 204 10.82 -19.88 -13.25
N LYS B 205 9.51 -19.67 -13.12
CA LYS B 205 8.51 -20.67 -13.43
C LYS B 205 8.64 -21.40 -14.77
N PRO B 206 8.82 -20.65 -15.87
CA PRO B 206 8.95 -21.30 -17.18
C PRO B 206 9.87 -22.52 -17.21
N SER B 207 10.86 -22.55 -16.32
CA SER B 207 11.79 -23.68 -16.27
C SER B 207 11.72 -24.38 -14.91
N ASN B 208 10.72 -24.02 -14.10
CA ASN B 208 10.56 -24.60 -12.77
C ASN B 208 11.89 -24.53 -12.01
N THR B 209 12.42 -23.31 -11.86
CA THR B 209 13.67 -23.11 -11.16
C THR B 209 13.45 -22.18 -9.97
N LYS B 210 13.90 -22.62 -8.80
CA LYS B 210 13.79 -21.83 -7.59
C LYS B 210 15.18 -21.78 -6.94
N VAL B 211 15.72 -20.59 -6.75
CA VAL B 211 17.04 -20.51 -6.14
C VAL B 211 17.07 -19.55 -4.97
N ASP B 212 17.85 -19.91 -3.96
CA ASP B 212 18.01 -19.07 -2.78
C ASP B 212 19.50 -18.85 -2.58
N LYS B 213 19.94 -17.64 -2.85
CA LYS B 213 21.35 -17.28 -2.71
C LYS B 213 21.57 -16.33 -1.54
N LYS B 214 22.34 -16.77 -0.56
CA LYS B 214 22.65 -15.95 0.60
C LYS B 214 23.77 -15.01 0.17
N VAL B 215 23.56 -13.72 0.37
CA VAL B 215 24.56 -12.72 -0.02
C VAL B 215 25.40 -12.28 1.17
N GLU B 216 26.65 -12.71 1.22
CA GLU B 216 27.54 -12.35 2.32
C GLU B 216 28.48 -11.18 2.02
N PRO B 217 28.86 -10.42 3.05
CA PRO B 217 29.76 -9.26 2.95
C PRO B 217 31.16 -9.64 2.49
N LYS B 218 31.84 -8.69 1.85
CA LYS B 218 33.19 -8.90 1.36
C LYS B 218 34.12 -7.81 1.91
N SER B 219 35.22 -8.23 2.54
CA SER B 219 36.19 -7.29 3.15
C SER B 219 37.08 -6.48 2.20
N CYS B 220 37.68 -7.15 1.23
CA CYS B 220 38.61 -6.52 0.29
C CYS B 220 39.91 -6.28 1.05
N ASP C 1 14.67 19.98 33.72
CA ASP C 1 13.79 18.93 33.13
C ASP C 1 13.24 19.36 31.77
N LEU C 2 13.84 18.83 30.70
CA LEU C 2 13.43 19.15 29.34
C LEU C 2 11.95 18.90 29.08
N VAL C 3 11.31 19.84 28.38
CA VAL C 3 9.90 19.75 28.03
C VAL C 3 9.74 20.23 26.60
N LEU C 4 9.08 19.44 25.76
CA LEU C 4 8.86 19.81 24.37
C LEU C 4 7.38 20.11 24.15
N THR C 5 7.08 21.21 23.49
CA THR C 5 5.71 21.59 23.24
C THR C 5 5.48 21.91 21.77
N GLN C 6 4.48 21.26 21.18
CA GLN C 6 4.19 21.50 19.76
C GLN C 6 3.09 22.52 19.52
N SER C 7 3.12 23.13 18.34
CA SER C 7 2.12 24.11 17.96
C SER C 7 1.84 23.98 16.47
N PRO C 8 0.57 23.85 16.08
CA PRO C 8 -0.55 23.80 17.04
C PRO C 8 -0.76 22.36 17.51
N ALA C 9 -1.73 22.17 18.38
CA ALA C 9 -2.04 20.83 18.86
C ALA C 9 -2.81 20.12 17.76
N SER C 10 -3.52 20.90 16.96
CA SER C 10 -4.34 20.37 15.88
C SER C 10 -4.41 21.31 14.67
N LEU C 11 -4.24 20.80 13.45
CA LEU C 11 -4.34 21.68 12.29
C LEU C 11 -4.94 21.02 11.06
N ALA C 12 -5.60 21.84 10.26
CA ALA C 12 -6.24 21.40 9.03
C ALA C 12 -5.64 22.19 7.87
N VAL C 13 -5.15 21.50 6.85
CA VAL C 13 -4.54 22.13 5.68
C VAL C 13 -5.18 21.61 4.39
N SER C 14 -5.45 22.50 3.45
CA SER C 14 -6.04 22.09 2.18
C SER C 14 -5.06 21.22 1.39
N LEU C 15 -5.61 20.24 0.68
CA LEU C 15 -4.84 19.31 -0.15
C LEU C 15 -4.00 20.13 -1.13
N GLY C 16 -2.70 19.85 -1.19
CA GLY C 16 -1.83 20.58 -2.10
C GLY C 16 -1.09 21.76 -1.47
N GLN C 17 -1.64 22.31 -0.38
CA GLN C 17 -1.02 23.44 0.30
C GLN C 17 0.14 22.98 1.19
N ARG C 18 0.72 23.91 1.94
CA ARG C 18 1.85 23.59 2.81
C ARG C 18 1.51 23.59 4.31
N ALA C 19 1.97 22.56 5.02
CA ALA C 19 1.72 22.43 6.45
C ALA C 19 3.00 22.65 7.27
N THR C 20 2.87 23.41 8.34
CA THR C 20 4.00 23.72 9.22
C THR C 20 3.68 23.38 10.65
N ILE C 21 4.50 22.53 11.25
CA ILE C 21 4.29 22.12 12.62
C ILE C 21 5.50 22.54 13.44
N SER C 22 5.27 23.24 14.54
CA SER C 22 6.33 23.75 15.40
C SER C 22 6.56 22.95 16.66
N CYS C 23 7.79 23.01 17.15
CA CYS C 23 8.17 22.32 18.39
C CYS C 23 9.14 23.23 19.13
N ARG C 24 8.83 23.50 20.40
CA ARG C 24 9.68 24.36 21.20
C ARG C 24 10.22 23.63 22.39
N ALA C 25 11.55 23.49 22.45
CA ALA C 25 12.16 22.82 23.59
C ALA C 25 12.29 23.87 24.71
N SER C 26 12.24 23.41 25.96
CA SER C 26 12.34 24.32 27.10
C SER C 26 13.80 24.70 27.36
N LYS C 27 14.72 23.85 26.87
CA LYS C 27 16.17 24.06 26.98
C LYS C 27 16.72 23.84 25.59
N SER C 28 17.91 24.37 25.31
CA SER C 28 18.51 24.18 24.00
C SER C 28 18.87 22.71 23.82
N VAL C 29 18.61 22.16 22.64
CA VAL C 29 18.95 20.77 22.40
C VAL C 29 19.98 20.67 21.29
N SER C 30 20.60 21.80 20.99
CA SER C 30 21.66 21.85 19.98
C SER C 30 22.99 21.94 20.71
N THR C 31 24.02 21.35 20.13
CA THR C 31 25.35 21.39 20.71
C THR C 31 26.32 21.85 19.62
N SER C 32 27.45 21.16 19.49
CA SER C 32 28.45 21.50 18.48
C SER C 32 27.76 21.85 17.18
N GLY C 33 27.61 20.85 16.31
CA GLY C 33 26.92 21.08 15.05
C GLY C 33 25.65 20.26 15.10
N TYR C 34 25.51 19.49 16.18
CA TYR C 34 24.37 18.61 16.36
C TYR C 34 23.11 19.21 16.98
N ASN C 35 22.02 19.12 16.21
CA ASN C 35 20.70 19.59 16.62
C ASN C 35 19.92 18.30 16.91
N TYR C 36 19.90 17.91 18.17
CA TYR C 36 19.24 16.68 18.57
C TYR C 36 17.72 16.68 18.62
N MET C 37 17.07 16.97 17.49
CA MET C 37 15.61 16.94 17.43
C MET C 37 15.21 16.01 16.28
N HIS C 38 14.21 15.17 16.52
CA HIS C 38 13.75 14.24 15.49
C HIS C 38 12.23 14.33 15.37
N TRP C 39 11.70 13.92 14.23
CA TRP C 39 10.28 13.96 14.01
C TRP C 39 9.72 12.58 13.65
N TYR C 40 8.55 12.30 14.20
CA TYR C 40 7.87 11.03 14.00
C TYR C 40 6.44 11.20 13.51
N GLN C 41 6.00 10.24 12.70
CA GLN C 41 4.63 10.23 12.18
C GLN C 41 3.96 8.99 12.69
N GLN C 42 2.71 9.10 13.12
CA GLN C 42 1.99 7.90 13.56
C GLN C 42 0.57 7.92 13.03
N LYS C 43 0.23 6.86 12.30
CA LYS C 43 -1.11 6.72 11.75
C LYS C 43 -1.90 5.81 12.69
N PRO C 44 -3.22 5.99 12.75
CA PRO C 44 -4.04 5.16 13.64
C PRO C 44 -3.78 3.65 13.53
N GLY C 45 -3.42 3.05 14.66
CA GLY C 45 -3.18 1.62 14.69
C GLY C 45 -1.80 1.09 14.34
N GLN C 46 -0.87 1.98 14.00
CA GLN C 46 0.47 1.53 13.65
C GLN C 46 1.46 2.12 14.63
N PRO C 47 2.66 1.54 14.71
CA PRO C 47 3.64 2.10 15.63
C PRO C 47 4.15 3.37 14.95
N PRO C 48 4.90 4.22 15.68
CA PRO C 48 5.45 5.46 15.13
C PRO C 48 6.46 5.20 14.00
N LYS C 49 6.62 6.18 13.11
CA LYS C 49 7.57 6.05 12.00
C LYS C 49 8.50 7.28 11.90
N LEU C 50 9.80 7.05 11.92
CA LEU C 50 10.78 8.14 11.85
C LEU C 50 10.72 8.88 10.51
N LEU C 51 10.53 10.20 10.59
CA LEU C 51 10.45 11.03 9.39
C LEU C 51 11.71 11.89 9.19
N ILE C 52 12.25 12.40 10.29
CA ILE C 52 13.42 13.26 10.23
C ILE C 52 14.30 13.00 11.44
N TYR C 53 15.61 13.08 11.26
CA TYR C 53 16.53 12.92 12.37
C TYR C 53 17.54 14.08 12.32
N LEU C 54 18.05 14.48 13.49
CA LEU C 54 18.96 15.61 13.54
C LEU C 54 18.37 16.82 12.85
N ALA C 55 17.13 17.17 13.21
CA ALA C 55 16.45 18.34 12.68
C ALA C 55 16.14 18.47 11.20
N SER C 56 16.99 17.96 10.31
CA SER C 56 16.72 18.14 8.88
C SER C 56 17.03 17.02 7.88
N ASN C 57 17.46 15.86 8.36
CA ASN C 57 17.77 14.77 7.43
C ASN C 57 16.61 13.80 7.28
N LEU C 58 16.28 13.48 6.03
CA LEU C 58 15.20 12.55 5.74
C LEU C 58 15.56 11.14 6.18
N ALA C 59 14.59 10.46 6.77
CA ALA C 59 14.82 9.08 7.21
C ALA C 59 14.46 8.14 6.05
N SER C 60 14.62 6.85 6.28
CA SER C 60 14.35 5.82 5.27
C SER C 60 12.97 5.87 4.63
N GLY C 61 12.95 5.84 3.31
CA GLY C 61 11.71 5.86 2.57
C GLY C 61 10.89 7.15 2.59
N VAL C 62 11.35 8.14 3.34
CA VAL C 62 10.60 9.39 3.45
C VAL C 62 10.66 10.26 2.20
N PRO C 63 9.50 10.58 1.62
CA PRO C 63 9.42 11.41 0.43
C PRO C 63 10.06 12.79 0.68
N ALA C 64 10.49 13.43 -0.40
CA ALA C 64 11.13 14.73 -0.33
C ALA C 64 10.17 15.87 0.02
N ARG C 65 8.87 15.61 -0.06
CA ARG C 65 7.91 16.65 0.26
C ARG C 65 7.93 16.96 1.77
N PHE C 66 8.62 16.12 2.53
CA PHE C 66 8.77 16.31 3.97
C PHE C 66 10.15 16.93 4.18
N SER C 67 10.22 17.96 5.03
CA SER C 67 11.50 18.61 5.35
C SER C 67 11.53 19.08 6.80
N GLY C 68 12.73 19.15 7.37
CA GLY C 68 12.91 19.56 8.75
C GLY C 68 13.69 20.87 8.86
N SER C 69 13.59 21.54 10.00
CA SER C 69 14.27 22.82 10.15
C SER C 69 14.48 23.20 11.61
N GLY C 70 15.47 24.06 11.88
CA GLY C 70 15.70 24.53 13.24
C GLY C 70 16.97 24.18 14.00
N SER C 71 17.10 24.79 15.18
CA SER C 71 18.23 24.59 16.08
C SER C 71 17.94 25.25 17.42
N GLY C 72 18.72 24.88 18.44
CA GLY C 72 18.52 25.46 19.76
C GLY C 72 17.25 24.96 20.42
N THR C 73 16.23 25.80 20.42
CA THR C 73 14.94 25.48 21.04
C THR C 73 13.80 25.48 20.02
N ASP C 74 14.04 26.05 18.84
CA ASP C 74 12.98 26.13 17.83
C ASP C 74 13.16 25.22 16.61
N PHE C 75 12.17 24.37 16.37
CA PHE C 75 12.21 23.44 15.25
C PHE C 75 10.90 23.42 14.48
N THR C 76 10.97 23.17 13.18
CA THR C 76 9.77 23.14 12.38
C THR C 76 9.75 21.97 11.39
N LEU C 77 8.57 21.44 11.13
CA LEU C 77 8.40 20.34 10.19
C LEU C 77 7.52 20.86 9.08
N ASN C 78 7.95 20.70 7.84
CA ASN C 78 7.15 21.15 6.71
C ASN C 78 6.77 20.01 5.78
N ILE C 79 5.59 20.11 5.20
CA ILE C 79 5.08 19.11 4.27
C ILE C 79 4.46 19.91 3.16
N HIS C 80 4.95 19.68 1.95
CA HIS C 80 4.45 20.40 0.79
C HIS C 80 4.87 19.66 -0.47
N PRO C 81 3.90 19.25 -1.28
CA PRO C 81 2.47 19.47 -1.06
C PRO C 81 1.94 18.43 -0.08
N VAL C 82 1.08 18.84 0.83
CA VAL C 82 0.51 17.92 1.78
C VAL C 82 -0.45 17.02 0.99
N GLU C 83 -0.47 15.73 1.28
CA GLU C 83 -1.33 14.81 0.57
C GLU C 83 -2.29 14.04 1.49
N GLU C 84 -3.32 13.43 0.88
CA GLU C 84 -4.32 12.65 1.62
C GLU C 84 -3.67 11.70 2.62
N GLU C 85 -2.70 10.94 2.14
CA GLU C 85 -1.97 9.98 2.96
C GLU C 85 -1.16 10.60 4.09
N ASP C 86 -1.07 11.93 4.14
CA ASP C 86 -0.32 12.55 5.23
C ASP C 86 -1.17 12.77 6.48
N ALA C 87 -2.43 12.36 6.42
CA ALA C 87 -3.33 12.46 7.57
C ALA C 87 -2.69 11.62 8.65
N ALA C 88 -2.44 12.21 9.81
CA ALA C 88 -1.79 11.49 10.89
C ALA C 88 -1.44 12.43 12.03
N THR C 89 -0.73 11.89 13.02
CA THR C 89 -0.30 12.68 14.15
C THR C 89 1.23 12.70 14.15
N TYR C 90 1.80 13.89 14.29
CA TYR C 90 3.25 14.05 14.28
C TYR C 90 3.78 14.44 15.64
N TYR C 91 4.93 13.88 15.99
CA TYR C 91 5.58 14.13 17.28
C TYR C 91 7.04 14.51 17.12
N CYS C 92 7.50 15.50 17.90
CA CYS C 92 8.92 15.80 17.86
C CYS C 92 9.46 14.91 18.95
N LEU C 93 10.75 14.64 18.90
CA LEU C 93 11.37 13.80 19.90
C LEU C 93 12.79 14.27 20.07
N TYR C 94 13.25 14.29 21.30
CA TYR C 94 14.59 14.69 21.57
C TYR C 94 15.35 13.49 22.08
N SER C 95 16.62 13.40 21.68
CA SER C 95 17.53 12.35 22.13
C SER C 95 18.81 12.42 21.31
N ARG C 96 19.82 11.74 21.82
CA ARG C 96 21.12 11.67 21.19
C ARG C 96 21.32 10.23 20.72
N GLU C 97 22.55 9.85 20.38
CA GLU C 97 22.83 8.50 19.90
C GLU C 97 22.22 7.44 20.81
N PHE C 98 22.23 7.70 22.11
CA PHE C 98 21.65 6.79 23.09
C PHE C 98 20.62 7.60 23.87
N PRO C 99 19.67 6.91 24.53
CA PRO C 99 18.64 7.59 25.32
C PRO C 99 19.29 8.48 26.38
N PRO C 100 18.52 9.24 27.18
CA PRO C 100 17.06 9.43 27.32
C PRO C 100 16.31 10.01 26.12
N TRP C 101 15.01 9.77 26.11
CA TRP C 101 14.11 10.24 25.07
C TRP C 101 13.08 11.16 25.73
N THR C 102 12.58 12.14 24.98
CA THR C 102 11.55 13.02 25.47
C THR C 102 10.64 13.41 24.30
N PHE C 103 9.40 12.95 24.34
CA PHE C 103 8.43 13.24 23.28
C PHE C 103 7.68 14.54 23.49
N GLY C 104 7.26 15.15 22.39
CA GLY C 104 6.46 16.35 22.47
C GLY C 104 5.03 15.85 22.55
N GLY C 105 4.08 16.76 22.78
CA GLY C 105 2.69 16.35 22.90
C GLY C 105 2.05 15.80 21.64
N GLY C 106 2.57 16.17 20.47
CA GLY C 106 2.00 15.68 19.23
C GLY C 106 1.07 16.68 18.59
N THR C 107 0.90 16.59 17.28
CA THR C 107 0.03 17.48 16.54
C THR C 107 -0.78 16.66 15.56
N LYS C 108 -2.10 16.84 15.58
CA LYS C 108 -2.95 16.08 14.67
C LYS C 108 -3.19 16.87 13.40
N LEU C 109 -2.89 16.26 12.26
CA LEU C 109 -3.07 16.94 10.99
C LEU C 109 -4.27 16.40 10.25
N GLU C 110 -5.09 17.31 9.74
CA GLU C 110 -6.27 16.91 8.99
C GLU C 110 -6.14 17.46 7.58
N ILE C 111 -6.54 16.65 6.60
CA ILE C 111 -6.47 17.07 5.21
C ILE C 111 -7.81 17.69 4.86
N LYS C 112 -7.78 18.94 4.44
CA LYS C 112 -8.99 19.66 4.08
C LYS C 112 -9.34 19.32 2.62
N ARG C 113 -10.62 19.25 2.31
CA ARG C 113 -11.06 18.96 0.94
C ARG C 113 -12.42 19.59 0.70
N THR C 114 -12.98 19.38 -0.48
CA THR C 114 -14.29 19.95 -0.78
C THR C 114 -15.36 19.16 -0.04
N VAL C 115 -16.42 19.85 0.34
CA VAL C 115 -17.55 19.25 1.04
C VAL C 115 -18.03 17.99 0.35
N ALA C 116 -18.39 16.98 1.15
CA ALA C 116 -18.91 15.74 0.61
C ALA C 116 -20.05 15.20 1.47
N ALA C 117 -21.25 15.19 0.89
CA ALA C 117 -22.44 14.72 1.59
C ALA C 117 -22.25 13.24 1.86
N PRO C 118 -22.77 12.75 3.01
CA PRO C 118 -22.60 11.34 3.30
C PRO C 118 -23.65 10.51 2.57
N SER C 119 -23.38 9.22 2.44
CA SER C 119 -24.32 8.28 1.84
C SER C 119 -24.86 7.57 3.08
N VAL C 120 -26.17 7.63 3.28
CA VAL C 120 -26.79 7.05 4.46
C VAL C 120 -27.51 5.73 4.23
N PHE C 121 -27.17 4.74 5.05
CA PHE C 121 -27.79 3.42 4.98
C PHE C 121 -28.33 3.07 6.36
N ILE C 122 -29.46 2.36 6.40
CA ILE C 122 -30.02 1.95 7.69
C ILE C 122 -30.13 0.43 7.66
N PHE C 123 -29.79 -0.19 8.78
CA PHE C 123 -29.81 -1.64 8.92
C PHE C 123 -30.73 -2.11 10.06
N PRO C 124 -31.78 -2.89 9.73
CA PRO C 124 -32.71 -3.38 10.75
C PRO C 124 -32.05 -4.48 11.57
N PRO C 125 -32.57 -4.78 12.77
CA PRO C 125 -31.97 -5.84 13.58
C PRO C 125 -32.18 -7.19 12.90
N SER C 126 -31.31 -8.15 13.22
CA SER C 126 -31.41 -9.47 12.64
C SER C 126 -32.29 -10.36 13.53
N ASP C 127 -33.05 -11.25 12.91
CA ASP C 127 -33.90 -12.14 13.69
C ASP C 127 -33.01 -12.88 14.67
N GLU C 128 -31.83 -13.26 14.19
CA GLU C 128 -30.87 -13.98 15.02
C GLU C 128 -30.53 -13.22 16.31
N GLN C 129 -30.44 -11.89 16.24
CA GLN C 129 -30.14 -11.11 17.44
C GLN C 129 -31.43 -10.97 18.26
N LEU C 130 -32.55 -10.85 17.58
CA LEU C 130 -33.84 -10.71 18.25
C LEU C 130 -34.03 -11.86 19.23
N LYS C 131 -33.59 -13.05 18.83
CA LYS C 131 -33.71 -14.25 19.68
C LYS C 131 -32.99 -14.07 21.01
N SER C 132 -31.95 -13.24 21.02
CA SER C 132 -31.20 -13.01 22.25
C SER C 132 -32.00 -12.11 23.20
N GLY C 133 -32.95 -11.36 22.65
CA GLY C 133 -33.76 -10.49 23.47
C GLY C 133 -33.39 -9.02 23.34
N THR C 134 -32.49 -8.74 22.41
CA THR C 134 -32.04 -7.37 22.19
C THR C 134 -32.11 -7.01 20.71
N ALA C 135 -32.28 -5.73 20.44
CA ALA C 135 -32.36 -5.24 19.07
C ALA C 135 -31.39 -4.07 18.83
N SER C 136 -30.51 -4.24 17.85
CA SER C 136 -29.56 -3.19 17.51
C SER C 136 -29.92 -2.67 16.13
N VAL C 137 -30.24 -1.39 16.04
CA VAL C 137 -30.56 -0.76 14.77
C VAL C 137 -29.37 0.15 14.43
N VAL C 138 -28.69 -0.17 13.34
CA VAL C 138 -27.50 0.58 12.91
C VAL C 138 -27.73 1.48 11.72
N CYS C 139 -27.20 2.70 11.82
CA CYS C 139 -27.31 3.68 10.74
C CYS C 139 -25.86 3.96 10.28
N LEU C 140 -25.66 4.09 8.97
CA LEU C 140 -24.33 4.33 8.42
C LEU C 140 -24.24 5.56 7.53
N LEU C 141 -23.30 6.44 7.88
CA LEU C 141 -23.03 7.67 7.11
C LEU C 141 -21.68 7.36 6.48
N ASN C 142 -21.67 7.20 5.16
CA ASN C 142 -20.45 6.82 4.48
C ASN C 142 -19.74 7.92 3.69
N ASN C 143 -18.42 7.91 3.78
CA ASN C 143 -17.52 8.84 3.07
C ASN C 143 -17.96 10.29 2.96
N PHE C 144 -17.85 11.05 4.05
CA PHE C 144 -18.24 12.45 4.01
C PHE C 144 -17.18 13.39 4.57
N TYR C 145 -17.33 14.68 4.28
CA TYR C 145 -16.42 15.70 4.76
C TYR C 145 -17.17 17.01 4.67
N PRO C 146 -17.05 17.88 5.69
CA PRO C 146 -16.26 17.69 6.91
C PRO C 146 -16.80 16.64 7.88
N ARG C 147 -16.03 16.41 8.95
CA ARG C 147 -16.33 15.43 9.98
C ARG C 147 -17.63 15.70 10.75
N GLU C 148 -17.94 16.98 11.03
CA GLU C 148 -19.15 17.33 11.76
C GLU C 148 -20.39 16.78 11.07
N ALA C 149 -21.20 16.03 11.82
CA ALA C 149 -22.43 15.44 11.28
C ALA C 149 -23.39 15.11 12.40
N LYS C 150 -24.68 15.28 12.16
CA LYS C 150 -25.65 14.97 13.19
C LYS C 150 -26.62 13.87 12.81
N VAL C 151 -26.70 12.88 13.69
CA VAL C 151 -27.60 11.75 13.52
C VAL C 151 -28.68 11.77 14.61
N GLN C 152 -29.93 11.91 14.20
CA GLN C 152 -31.04 11.90 15.15
C GLN C 152 -31.86 10.64 14.89
N TRP C 153 -32.13 9.88 15.95
CA TRP C 153 -32.91 8.65 15.85
C TRP C 153 -34.37 8.92 16.20
N LYS C 154 -35.28 8.45 15.35
CA LYS C 154 -36.72 8.61 15.56
C LYS C 154 -37.47 7.27 15.45
N VAL C 155 -38.25 6.95 16.47
CA VAL C 155 -39.06 5.73 16.52
C VAL C 155 -40.50 6.21 16.66
N ASP C 156 -41.32 5.96 15.64
CA ASP C 156 -42.71 6.42 15.62
C ASP C 156 -42.76 7.92 15.96
N ASN C 157 -41.86 8.66 15.33
CA ASN C 157 -41.76 10.11 15.52
C ASN C 157 -41.34 10.59 16.90
N ALA C 158 -40.81 9.69 17.71
CA ALA C 158 -40.33 10.06 19.04
C ALA C 158 -38.81 10.12 18.97
N LEU C 159 -38.24 11.30 19.18
CA LEU C 159 -36.80 11.44 19.14
C LEU C 159 -36.14 10.62 20.25
N GLN C 160 -35.23 9.73 19.87
CA GLN C 160 -34.53 8.88 20.84
C GLN C 160 -33.29 9.59 21.34
N SER C 161 -33.06 9.48 22.65
CA SER C 161 -31.90 10.11 23.26
C SER C 161 -31.41 9.27 24.44
N GLY C 162 -30.11 8.99 24.47
CA GLY C 162 -29.55 8.22 25.57
C GLY C 162 -29.50 6.73 25.36
N ASN C 163 -30.04 6.25 24.24
CA ASN C 163 -30.04 4.81 23.97
C ASN C 163 -29.29 4.41 22.69
N SER C 164 -28.33 5.24 22.28
CA SER C 164 -27.53 4.94 21.08
C SER C 164 -26.09 5.41 21.25
N GLN C 165 -25.20 4.79 20.50
CA GLN C 165 -23.79 5.15 20.53
C GLN C 165 -23.26 5.23 19.11
N GLU C 166 -22.22 6.02 18.91
CA GLU C 166 -21.63 6.19 17.59
C GLU C 166 -20.11 6.26 17.67
N SER C 167 -19.47 5.97 16.55
CA SER C 167 -18.02 6.06 16.48
C SER C 167 -17.73 6.47 15.05
N VAL C 168 -16.72 7.31 14.89
CA VAL C 168 -16.31 7.81 13.59
C VAL C 168 -14.97 7.24 13.21
N THR C 169 -14.78 6.89 11.95
CA THR C 169 -13.50 6.35 11.51
C THR C 169 -12.53 7.51 11.42
N GLU C 170 -11.25 7.20 11.39
CA GLU C 170 -10.22 8.20 11.25
C GLU C 170 -10.30 8.69 9.80
N GLN C 171 -9.79 9.90 9.54
CA GLN C 171 -9.83 10.42 8.17
C GLN C 171 -9.26 9.38 7.21
N ASP C 172 -9.89 9.19 6.07
CA ASP C 172 -9.42 8.21 5.11
C ASP C 172 -8.12 8.61 4.42
N SER C 173 -7.16 7.69 4.39
CA SER C 173 -5.86 7.93 3.80
C SER C 173 -5.86 8.15 2.29
N LYS C 174 -6.95 7.84 1.60
CA LYS C 174 -6.98 8.04 0.16
C LYS C 174 -7.92 9.13 -0.36
N ASP C 175 -9.11 9.28 0.22
CA ASP C 175 -10.04 10.32 -0.24
C ASP C 175 -10.33 11.43 0.78
N SER C 176 -9.76 11.29 1.98
CA SER C 176 -9.91 12.29 3.04
C SER C 176 -11.29 12.42 3.67
N THR C 177 -12.17 11.45 3.45
CA THR C 177 -13.50 11.50 4.05
C THR C 177 -13.50 10.78 5.37
N TYR C 178 -14.62 10.90 6.06
CA TYR C 178 -14.84 10.24 7.35
C TYR C 178 -16.09 9.36 7.17
N SER C 179 -16.25 8.37 8.04
CA SER C 179 -17.43 7.51 8.01
C SER C 179 -17.97 7.43 9.44
N LEU C 180 -19.28 7.29 9.58
CA LEU C 180 -19.84 7.22 10.92
C LEU C 180 -20.87 6.11 11.11
N SER C 181 -20.77 5.42 12.23
CA SER C 181 -21.69 4.33 12.54
C SER C 181 -22.44 4.58 13.84
N SER C 182 -23.76 4.69 13.73
CA SER C 182 -24.59 4.94 14.90
C SER C 182 -25.50 3.75 15.20
N THR C 183 -25.38 3.22 16.42
CA THR C 183 -26.17 2.08 16.85
C THR C 183 -27.25 2.42 17.88
N LEU C 184 -28.50 2.21 17.50
CA LEU C 184 -29.63 2.46 18.42
C LEU C 184 -29.97 1.09 19.02
N THR C 185 -29.86 0.98 20.34
CA THR C 185 -30.15 -0.29 21.01
C THR C 185 -31.45 -0.27 21.81
N LEU C 186 -32.27 -1.29 21.60
CA LEU C 186 -33.54 -1.43 22.29
C LEU C 186 -33.71 -2.89 22.68
N SER C 187 -34.60 -3.14 23.64
CA SER C 187 -34.87 -4.51 24.06
C SER C 187 -35.82 -5.03 22.99
N LYS C 188 -35.83 -6.34 22.78
CA LYS C 188 -36.72 -6.93 21.78
C LYS C 188 -38.16 -6.48 22.02
N ALA C 189 -38.61 -6.62 23.26
CA ALA C 189 -39.97 -6.24 23.64
C ALA C 189 -40.34 -4.87 23.11
N ASP C 190 -39.50 -3.87 23.40
CA ASP C 190 -39.74 -2.50 22.95
C ASP C 190 -39.74 -2.39 21.43
N TYR C 191 -38.76 -3.03 20.79
CA TYR C 191 -38.65 -2.99 19.34
C TYR C 191 -39.95 -3.45 18.69
N GLU C 192 -40.53 -4.52 19.23
CA GLU C 192 -41.77 -5.07 18.68
C GLU C 192 -42.98 -4.14 18.84
N LYS C 193 -42.91 -3.22 19.81
CA LYS C 193 -44.04 -2.32 20.04
C LYS C 193 -44.07 -1.08 19.16
N HIS C 194 -43.11 -0.95 18.26
CA HIS C 194 -43.08 0.22 17.38
C HIS C 194 -42.97 -0.18 15.92
N LYS C 195 -43.44 0.70 15.04
CA LYS C 195 -43.40 0.38 13.62
C LYS C 195 -42.31 1.10 12.79
N VAL C 196 -42.23 2.42 12.92
CA VAL C 196 -41.26 3.19 12.14
C VAL C 196 -39.94 3.51 12.83
N TYR C 197 -38.87 3.20 12.12
CA TYR C 197 -37.52 3.45 12.60
C TYR C 197 -36.80 4.32 11.58
N ALA C 198 -36.47 5.54 11.98
CA ALA C 198 -35.83 6.46 11.07
C ALA C 198 -34.51 7.01 11.59
N CYS C 199 -33.60 7.27 10.66
CA CYS C 199 -32.30 7.84 10.98
C CYS C 199 -32.25 9.14 10.22
N GLU C 200 -32.22 10.26 10.94
CA GLU C 200 -32.19 11.56 10.30
C GLU C 200 -30.78 12.14 10.38
N VAL C 201 -30.23 12.45 9.22
CA VAL C 201 -28.88 12.98 9.18
C VAL C 201 -28.84 14.38 8.62
N THR C 202 -28.16 15.26 9.33
CA THR C 202 -28.01 16.63 8.89
C THR C 202 -26.50 16.84 8.74
N HIS C 203 -26.08 17.37 7.59
CA HIS C 203 -24.66 17.58 7.31
C HIS C 203 -24.50 18.71 6.28
N GLN C 204 -23.38 19.41 6.34
CA GLN C 204 -23.09 20.53 5.45
C GLN C 204 -23.29 20.28 3.95
N GLY C 205 -23.03 19.07 3.49
CA GLY C 205 -23.20 18.77 2.08
C GLY C 205 -24.65 18.49 1.68
N LEU C 206 -25.55 18.51 2.68
CA LEU C 206 -26.96 18.25 2.43
C LEU C 206 -27.82 19.50 2.56
N SER C 207 -28.38 19.93 1.44
CA SER C 207 -29.23 21.11 1.43
C SER C 207 -30.33 20.95 2.47
N SER C 208 -30.80 19.70 2.62
CA SER C 208 -31.84 19.39 3.60
C SER C 208 -31.49 18.09 4.31
N PRO C 209 -32.03 17.88 5.52
CA PRO C 209 -31.76 16.67 6.28
C PRO C 209 -32.26 15.45 5.51
N VAL C 210 -31.49 14.37 5.55
CA VAL C 210 -31.88 13.17 4.84
C VAL C 210 -32.35 12.14 5.85
N THR C 211 -33.40 11.41 5.50
CA THR C 211 -33.93 10.42 6.41
C THR C 211 -34.06 9.04 5.80
N LYS C 212 -33.47 8.04 6.44
CA LYS C 212 -33.56 6.67 5.97
C LYS C 212 -34.34 5.92 7.03
N SER C 213 -35.47 5.36 6.64
CA SER C 213 -36.32 4.65 7.59
C SER C 213 -36.93 3.38 7.04
N PHE C 214 -37.32 2.49 7.96
CA PHE C 214 -37.95 1.24 7.57
C PHE C 214 -39.05 0.93 8.58
N ASN C 215 -40.00 0.11 8.16
CA ASN C 215 -41.10 -0.28 9.02
C ASN C 215 -40.83 -1.69 9.50
N ARG C 216 -40.78 -1.87 10.80
CA ARG C 216 -40.52 -3.19 11.37
C ARG C 216 -41.41 -4.21 10.67
N GLY C 217 -40.82 -5.36 10.36
CA GLY C 217 -41.55 -6.43 9.72
C GLY C 217 -41.95 -6.21 8.28
N GLU C 218 -41.18 -5.43 7.53
CA GLU C 218 -41.51 -5.18 6.14
C GLU C 218 -40.38 -5.55 5.19
N CYS C 219 -40.62 -6.55 4.37
CA CYS C 219 -39.64 -7.05 3.40
C CYS C 219 -39.82 -6.33 2.06
N GLN D 1 16.18 -5.53 8.11
CA GLN D 1 15.64 -6.89 8.39
C GLN D 1 15.41 -7.14 9.87
N VAL D 2 15.91 -6.25 10.72
CA VAL D 2 15.68 -6.41 12.15
C VAL D 2 14.17 -6.38 12.33
N GLN D 3 13.66 -7.31 13.12
CA GLN D 3 12.23 -7.36 13.36
C GLN D 3 11.95 -7.56 14.83
N LEU D 4 10.93 -6.86 15.33
CA LEU D 4 10.57 -6.98 16.74
C LEU D 4 9.19 -7.63 16.84
N GLN D 5 9.16 -8.75 17.55
CA GLN D 5 7.93 -9.47 17.76
C GLN D 5 7.50 -9.30 19.21
N GLN D 6 6.32 -8.73 19.42
CA GLN D 6 5.81 -8.50 20.76
C GLN D 6 4.73 -9.53 21.09
N SER D 7 4.53 -9.78 22.37
CA SER D 7 3.53 -10.74 22.82
C SER D 7 2.10 -10.20 22.61
N GLY D 8 1.11 -11.09 22.67
CA GLY D 8 -0.27 -10.69 22.44
C GLY D 8 -0.94 -9.83 23.51
N PRO D 9 -2.13 -9.28 23.22
CA PRO D 9 -2.87 -8.44 24.17
C PRO D 9 -3.06 -9.17 25.49
N GLU D 10 -3.18 -8.39 26.56
CA GLU D 10 -3.35 -8.97 27.90
C GLU D 10 -4.52 -8.35 28.62
N LEU D 11 -5.03 -9.07 29.61
CA LEU D 11 -6.13 -8.61 30.45
C LEU D 11 -5.74 -8.98 31.87
N LYS D 12 -5.64 -7.97 32.74
CA LYS D 12 -5.26 -8.21 34.12
C LYS D 12 -6.14 -7.39 35.07
N LYS D 13 -6.23 -7.86 36.30
CA LYS D 13 -7.02 -7.20 37.33
C LYS D 13 -6.14 -6.24 38.13
N PRO D 14 -6.72 -5.15 38.65
CA PRO D 14 -5.91 -4.21 39.43
C PRO D 14 -5.18 -4.97 40.52
N GLY D 15 -3.92 -4.61 40.73
CA GLY D 15 -3.14 -5.26 41.76
C GLY D 15 -2.29 -6.41 41.26
N GLU D 16 -2.65 -6.95 40.10
CA GLU D 16 -1.89 -8.06 39.54
C GLU D 16 -0.66 -7.56 38.77
N THR D 17 0.13 -8.49 38.25
CA THR D 17 1.31 -8.10 37.50
C THR D 17 1.27 -8.67 36.08
N VAL D 18 1.88 -7.94 35.16
CA VAL D 18 1.92 -8.37 33.78
C VAL D 18 3.36 -8.31 33.28
N LYS D 19 3.72 -9.22 32.38
CA LYS D 19 5.06 -9.28 31.82
C LYS D 19 4.90 -9.56 30.33
N ILE D 20 5.22 -8.58 29.51
CA ILE D 20 5.10 -8.72 28.07
C ILE D 20 6.50 -8.90 27.50
N SER D 21 6.61 -9.54 26.35
CA SER D 21 7.92 -9.77 25.75
C SER D 21 8.09 -9.18 24.37
N CYS D 22 9.35 -8.97 24.00
CA CYS D 22 9.72 -8.41 22.70
C CYS D 22 10.91 -9.19 22.16
N LYS D 23 10.75 -9.84 21.02
CA LYS D 23 11.84 -10.63 20.46
C LYS D 23 12.44 -9.97 19.23
N THR D 24 13.77 -9.99 19.17
CA THR D 24 14.52 -9.41 18.05
C THR D 24 14.85 -10.49 17.03
N SER D 25 15.15 -10.07 15.81
CA SER D 25 15.52 -10.98 14.74
C SER D 25 17.03 -10.89 14.55
N GLY D 26 17.57 -11.81 13.76
CA GLY D 26 18.99 -11.80 13.50
C GLY D 26 19.83 -12.52 14.53
N TYR D 27 21.12 -12.21 14.52
CA TYR D 27 22.06 -12.83 15.45
C TYR D 27 21.95 -12.30 16.88
N SER D 28 21.81 -10.99 17.03
CA SER D 28 21.71 -10.44 18.39
C SER D 28 21.07 -9.06 18.44
N PHE D 29 21.10 -8.48 19.65
CA PHE D 29 20.56 -7.15 19.85
C PHE D 29 21.57 -6.21 19.20
N THR D 30 21.17 -4.97 18.98
CA THR D 30 22.04 -3.96 18.40
C THR D 30 22.85 -3.36 19.56
N ASN D 31 23.73 -2.41 19.24
CA ASN D 31 24.57 -1.76 20.25
C ASN D 31 23.77 -0.81 21.12
N TYR D 32 22.68 -0.30 20.58
CA TYR D 32 21.83 0.69 21.24
C TYR D 32 20.80 0.26 22.28
N GLY D 33 20.64 -1.04 22.49
CA GLY D 33 19.68 -1.48 23.48
C GLY D 33 18.22 -1.44 23.05
N MET D 34 17.33 -1.54 24.03
CA MET D 34 15.90 -1.54 23.78
C MET D 34 15.15 -0.43 24.51
N ASN D 35 14.27 0.25 23.80
CA ASN D 35 13.46 1.31 24.39
C ASN D 35 12.02 0.86 24.55
N TRP D 36 11.35 1.34 25.60
CA TRP D 36 9.96 1.00 25.83
C TRP D 36 9.12 2.28 25.84
N VAL D 37 8.03 2.28 25.07
CA VAL D 37 7.16 3.45 24.96
C VAL D 37 5.70 3.13 25.27
N LYS D 38 5.07 4.02 26.04
CA LYS D 38 3.68 3.87 26.44
C LYS D 38 2.72 4.79 25.71
N GLN D 39 1.56 4.27 25.35
CA GLN D 39 0.56 5.08 24.69
C GLN D 39 -0.82 4.69 25.18
N ALA D 40 -1.41 5.54 26.02
CA ALA D 40 -2.74 5.28 26.55
C ALA D 40 -3.73 5.59 25.44
N PRO D 41 -4.90 4.94 25.46
CA PRO D 41 -5.93 5.16 24.43
C PRO D 41 -6.15 6.64 24.16
N GLY D 42 -6.01 7.03 22.90
CA GLY D 42 -6.20 8.41 22.52
C GLY D 42 -5.15 9.40 23.02
N LYS D 43 -4.11 8.92 23.69
CA LYS D 43 -3.08 9.82 24.20
C LYS D 43 -1.80 9.83 23.35
N GLY D 44 -0.80 10.57 23.80
CA GLY D 44 0.45 10.66 23.08
C GLY D 44 1.50 9.66 23.51
N LEU D 45 2.62 9.62 22.79
CA LEU D 45 3.70 8.71 23.10
C LEU D 45 4.45 9.17 24.33
N LYS D 46 4.76 8.23 25.23
CA LYS D 46 5.45 8.51 26.48
C LYS D 46 6.63 7.55 26.68
N TRP D 47 7.85 8.09 26.64
CA TRP D 47 9.04 7.25 26.84
C TRP D 47 9.04 6.73 28.27
N MET D 48 9.23 5.42 28.43
CA MET D 48 9.23 4.78 29.74
C MET D 48 10.62 4.56 30.34
N GLY D 49 11.59 4.37 29.44
CA GLY D 49 12.96 4.12 29.86
C GLY D 49 13.61 3.23 28.83
N TRP D 50 14.77 2.68 29.13
CA TRP D 50 15.46 1.83 28.17
C TRP D 50 16.38 0.84 28.90
N ILE D 51 16.76 -0.23 28.20
CA ILE D 51 17.65 -1.20 28.82
C ILE D 51 18.88 -1.39 27.94
N ASN D 52 20.04 -1.35 28.57
CA ASN D 52 21.32 -1.49 27.90
C ASN D 52 21.61 -2.97 27.66
N THR D 53 21.91 -3.34 26.43
CA THR D 53 22.20 -4.74 26.13
C THR D 53 23.64 -5.14 26.49
N TYR D 54 24.53 -4.14 26.53
CA TYR D 54 25.94 -4.36 26.88
C TYR D 54 26.01 -4.82 28.32
N THR D 55 25.63 -3.91 29.21
CA THR D 55 25.65 -4.13 30.64
C THR D 55 24.37 -4.77 31.18
N GLY D 56 23.28 -4.66 30.42
CA GLY D 56 22.02 -5.23 30.88
C GLY D 56 21.31 -4.32 31.87
N GLU D 57 21.92 -3.15 32.11
CA GLU D 57 21.41 -2.17 33.04
C GLU D 57 20.23 -1.36 32.51
N PRO D 58 19.10 -1.36 33.26
CA PRO D 58 17.89 -0.63 32.87
C PRO D 58 17.87 0.80 33.44
N THR D 59 17.24 1.70 32.70
CA THR D 59 17.12 3.09 33.13
C THR D 59 15.65 3.47 33.01
N TYR D 60 15.08 3.97 34.10
CA TYR D 60 13.66 4.35 34.08
C TYR D 60 13.40 5.83 34.06
N ALA D 61 12.50 6.24 33.18
CA ALA D 61 12.11 7.64 33.11
C ALA D 61 11.49 7.96 34.48
N ASP D 62 11.52 9.24 34.86
CA ASP D 62 11.00 9.66 36.16
C ASP D 62 9.63 9.09 36.54
N ASP D 63 8.71 9.03 35.58
CA ASP D 63 7.36 8.53 35.86
C ASP D 63 7.16 7.03 35.87
N PHE D 64 8.25 6.27 35.83
CA PHE D 64 8.11 4.82 35.80
C PHE D 64 9.09 4.13 36.72
N ARG D 65 9.29 4.70 37.90
CA ARG D 65 10.20 4.14 38.89
C ARG D 65 9.37 3.48 39.99
N GLY D 66 9.74 2.26 40.37
CA GLY D 66 9.01 1.56 41.42
C GLY D 66 8.27 0.30 40.99
N ARG D 67 7.26 0.45 40.14
CA ARG D 67 6.46 -0.69 39.70
C ARG D 67 6.86 -1.34 38.37
N PHE D 68 7.80 -0.74 37.64
CA PHE D 68 8.22 -1.30 36.36
C PHE D 68 9.63 -1.89 36.35
N ALA D 69 9.82 -2.95 35.56
CA ALA D 69 11.12 -3.60 35.47
C ALA D 69 11.45 -4.08 34.06
N PHE D 70 12.63 -3.69 33.57
CA PHE D 70 13.09 -4.08 32.24
C PHE D 70 14.11 -5.19 32.43
N SER D 71 13.97 -6.26 31.66
CA SER D 71 14.92 -7.37 31.79
C SER D 71 15.22 -7.95 30.41
N LEU D 72 16.25 -8.78 30.33
CA LEU D 72 16.65 -9.40 29.07
C LEU D 72 17.03 -10.85 29.24
N ALA D 73 16.70 -11.64 28.22
CA ALA D 73 17.07 -13.05 28.19
C ALA D 73 17.93 -13.10 26.93
N THR D 74 19.25 -13.04 27.11
CA THR D 74 20.16 -13.04 25.97
C THR D 74 20.05 -14.32 25.15
N SER D 75 20.08 -15.46 25.82
CA SER D 75 19.99 -16.74 25.14
C SER D 75 18.82 -16.76 24.16
N ALA D 76 17.74 -16.06 24.51
CA ALA D 76 16.55 -16.05 23.64
C ALA D 76 16.37 -14.77 22.84
N SER D 77 17.33 -13.85 22.94
CA SER D 77 17.24 -12.61 22.19
C SER D 77 15.87 -11.99 22.48
N THR D 78 15.63 -11.67 23.75
CA THR D 78 14.34 -11.13 24.11
C THR D 78 14.40 -10.17 25.28
N ALA D 79 13.61 -9.10 25.19
CA ALA D 79 13.52 -8.10 26.26
C ALA D 79 12.15 -8.28 26.89
N TYR D 80 12.05 -7.96 28.18
CA TYR D 80 10.79 -8.08 28.91
C TYR D 80 10.44 -6.83 29.68
N LEU D 81 9.14 -6.54 29.74
CA LEU D 81 8.63 -5.39 30.48
C LEU D 81 7.68 -5.94 31.54
N GLN D 82 8.08 -5.86 32.81
CA GLN D 82 7.20 -6.32 33.87
C GLN D 82 6.64 -5.12 34.64
N ILE D 83 5.35 -5.19 34.94
CA ILE D 83 4.65 -4.15 35.69
C ILE D 83 3.95 -4.83 36.84
N ILE D 84 4.24 -4.43 38.08
CA ILE D 84 3.57 -5.06 39.22
C ILE D 84 2.45 -4.17 39.76
N ASN D 85 1.64 -4.72 40.67
CA ASN D 85 0.54 -3.98 41.28
C ASN D 85 -0.12 -3.09 40.22
N LEU D 86 -0.70 -3.70 39.19
CA LEU D 86 -1.32 -2.97 38.10
C LEU D 86 -2.43 -2.01 38.51
N LYS D 87 -2.47 -0.84 37.86
CA LYS D 87 -3.47 0.18 38.13
C LYS D 87 -4.18 0.49 36.83
N ASN D 88 -5.39 1.02 36.92
CA ASN D 88 -6.15 1.35 35.72
C ASN D 88 -5.36 2.21 34.74
N GLU D 89 -4.54 3.12 35.27
CA GLU D 89 -3.74 4.01 34.44
C GLU D 89 -2.74 3.26 33.54
N ASP D 90 -2.39 2.03 33.88
CA ASP D 90 -1.46 1.26 33.08
C ASP D 90 -2.13 0.69 31.85
N THR D 91 -3.42 0.94 31.70
CA THR D 91 -4.13 0.43 30.53
C THR D 91 -3.66 1.20 29.32
N ALA D 92 -2.92 0.53 28.44
CA ALA D 92 -2.41 1.19 27.23
C ALA D 92 -1.67 0.21 26.34
N THR D 93 -1.14 0.71 25.23
CA THR D 93 -0.37 -0.13 24.33
C THR D 93 1.09 0.15 24.65
N TYR D 94 1.87 -0.91 24.75
CA TYR D 94 3.29 -0.76 25.04
C TYR D 94 4.14 -1.15 23.85
N PHE D 95 4.88 -0.16 23.33
CA PHE D 95 5.75 -0.41 22.19
C PHE D 95 7.17 -0.69 22.64
N CYS D 96 7.83 -1.54 21.87
CA CYS D 96 9.20 -1.95 22.09
C CYS D 96 9.93 -1.35 20.89
N GLU D 97 11.13 -0.80 21.08
CA GLU D 97 11.87 -0.21 19.98
C GLU D 97 13.38 -0.34 20.11
N THR D 98 14.04 -0.33 18.96
CA THR D 98 15.49 -0.40 18.91
C THR D 98 15.96 0.13 17.55
N TYR D 99 17.26 0.37 17.43
CA TYR D 99 17.80 0.90 16.18
C TYR D 99 19.28 0.53 16.05
N ASP D 100 19.78 0.53 14.82
CA ASP D 100 21.19 0.23 14.61
C ASP D 100 21.87 1.40 13.88
N SER D 101 21.11 2.47 13.68
CA SER D 101 21.61 3.65 12.98
C SER D 101 20.48 4.65 12.76
N PRO D 102 20.82 5.84 12.24
CA PRO D 102 19.82 6.88 11.98
C PRO D 102 18.77 6.44 10.97
N LEU D 103 19.15 5.53 10.08
CA LEU D 103 18.23 5.03 9.07
C LEU D 103 17.65 3.65 9.37
N GLY D 104 18.06 3.06 10.48
CA GLY D 104 17.56 1.75 10.85
C GLY D 104 16.79 1.77 12.17
N ASP D 105 15.54 2.21 12.11
CA ASP D 105 14.67 2.31 13.30
C ASP D 105 13.65 1.16 13.23
N TYR D 106 13.60 0.35 14.28
CA TYR D 106 12.70 -0.81 14.31
C TYR D 106 11.74 -0.81 15.50
N TRP D 107 10.45 -0.90 15.21
CA TRP D 107 9.42 -0.90 16.24
C TRP D 107 8.54 -2.14 16.28
N GLY D 108 8.24 -2.61 17.49
CA GLY D 108 7.36 -3.75 17.61
C GLY D 108 5.96 -3.25 17.28
N GLN D 109 5.03 -4.14 17.00
CA GLN D 109 3.66 -3.75 16.66
C GLN D 109 2.89 -3.22 17.88
N GLY D 110 3.44 -3.40 19.06
CA GLY D 110 2.76 -2.93 20.26
C GLY D 110 1.92 -4.01 20.93
N THR D 111 1.97 -4.03 22.27
CA THR D 111 1.21 -5.01 23.04
C THR D 111 0.13 -4.31 23.85
N THR D 112 -1.12 -4.63 23.51
CA THR D 112 -2.29 -4.08 24.18
C THR D 112 -2.39 -4.67 25.59
N VAL D 113 -2.48 -3.80 26.61
CA VAL D 113 -2.62 -4.26 27.98
C VAL D 113 -3.82 -3.57 28.64
N THR D 114 -4.76 -4.37 29.13
CA THR D 114 -5.94 -3.82 29.78
C THR D 114 -6.01 -4.19 31.26
N VAL D 115 -6.25 -3.20 32.11
CA VAL D 115 -6.38 -3.43 33.54
C VAL D 115 -7.83 -3.17 33.89
N SER D 116 -8.54 -4.21 34.31
CA SER D 116 -9.95 -4.11 34.66
C SER D 116 -10.40 -5.33 35.46
N SER D 117 -11.58 -5.23 36.07
CA SER D 117 -12.10 -6.34 36.85
C SER D 117 -13.02 -7.18 35.98
N ALA D 118 -13.47 -6.60 34.86
CA ALA D 118 -14.35 -7.29 33.94
C ALA D 118 -13.73 -8.58 33.42
N SER D 119 -14.56 -9.60 33.22
CA SER D 119 -14.09 -10.91 32.74
C SER D 119 -14.07 -11.02 31.22
N THR D 120 -13.19 -11.89 30.71
CA THR D 120 -13.08 -12.10 29.27
C THR D 120 -14.36 -12.72 28.70
N LYS D 121 -14.80 -12.23 27.56
CA LYS D 121 -16.02 -12.76 26.94
C LYS D 121 -16.05 -12.61 25.42
N GLY D 122 -16.25 -13.73 24.73
CA GLY D 122 -16.31 -13.73 23.28
C GLY D 122 -17.50 -12.96 22.74
N PRO D 123 -17.40 -12.47 21.49
CA PRO D 123 -18.48 -11.70 20.84
C PRO D 123 -19.51 -12.53 20.09
N SER D 124 -20.57 -11.84 19.66
CA SER D 124 -21.63 -12.44 18.87
C SER D 124 -21.57 -11.65 17.58
N VAL D 125 -21.65 -12.34 16.46
CA VAL D 125 -21.60 -11.67 15.17
C VAL D 125 -22.95 -11.75 14.50
N PHE D 126 -23.54 -10.58 14.23
CA PHE D 126 -24.84 -10.51 13.59
C PHE D 126 -24.68 -9.87 12.21
N PRO D 127 -25.58 -10.19 11.29
CA PRO D 127 -25.44 -9.59 9.97
C PRO D 127 -26.09 -8.22 9.82
N LEU D 128 -25.40 -7.34 9.10
CA LEU D 128 -25.92 -6.02 8.78
C LEU D 128 -26.16 -6.28 7.29
N ALA D 129 -27.38 -6.69 6.97
CA ALA D 129 -27.73 -7.07 5.61
C ALA D 129 -28.18 -5.98 4.67
N PRO D 130 -27.77 -6.09 3.40
CA PRO D 130 -28.10 -5.15 2.32
C PRO D 130 -29.54 -5.33 1.83
N SER D 131 -30.12 -4.25 1.35
CA SER D 131 -31.49 -4.26 0.84
C SER D 131 -31.74 -2.97 0.08
N SER D 132 -33.00 -2.59 -0.10
CA SER D 132 -33.32 -1.34 -0.80
C SER D 132 -33.03 -0.18 0.15
N LYS D 133 -33.12 -0.46 1.45
CA LYS D 133 -32.87 0.53 2.50
C LYS D 133 -31.37 0.76 2.57
N SER D 134 -30.62 -0.14 1.92
CA SER D 134 -29.15 -0.06 1.89
C SER D 134 -28.63 0.00 0.45
N THR D 135 -29.21 0.90 -0.34
CA THR D 135 -28.82 1.07 -1.74
C THR D 135 -28.83 2.52 -2.21
N SER D 136 -27.64 3.06 -2.48
CA SER D 136 -27.49 4.43 -2.96
C SER D 136 -27.48 4.36 -4.48
N GLY D 137 -28.57 3.89 -5.06
CA GLY D 137 -28.66 3.76 -6.49
C GLY D 137 -27.95 2.49 -6.93
N GLY D 138 -26.66 2.62 -7.25
CA GLY D 138 -25.88 1.47 -7.68
C GLY D 138 -24.97 0.89 -6.60
N THR D 139 -24.79 1.62 -5.50
CA THR D 139 -23.94 1.15 -4.41
C THR D 139 -24.77 0.52 -3.30
N ALA D 140 -24.26 -0.55 -2.71
CA ALA D 140 -24.96 -1.24 -1.64
C ALA D 140 -24.02 -1.38 -0.45
N ALA D 141 -24.55 -1.22 0.75
CA ALA D 141 -23.73 -1.35 1.94
C ALA D 141 -24.14 -2.62 2.67
N LEU D 142 -23.18 -3.25 3.34
CA LEU D 142 -23.43 -4.45 4.12
C LEU D 142 -22.31 -4.59 5.15
N GLY D 143 -22.55 -5.34 6.22
CA GLY D 143 -21.51 -5.48 7.22
C GLY D 143 -21.81 -6.49 8.31
N CYS D 144 -20.94 -6.50 9.32
CA CYS D 144 -21.07 -7.39 10.47
C CYS D 144 -21.04 -6.58 11.75
N LEU D 145 -21.94 -6.91 12.67
CA LEU D 145 -21.99 -6.23 13.96
C LEU D 145 -21.37 -7.19 14.97
N VAL D 146 -20.25 -6.77 15.56
CA VAL D 146 -19.53 -7.58 16.54
C VAL D 146 -19.88 -7.07 17.93
N LYS D 147 -20.88 -7.69 18.53
CA LYS D 147 -21.39 -7.27 19.82
C LYS D 147 -21.00 -8.04 21.08
N ASP D 148 -21.04 -7.31 22.20
CA ASP D 148 -20.75 -7.79 23.54
C ASP D 148 -19.53 -8.65 23.78
N TYR D 149 -18.35 -8.05 23.66
CA TYR D 149 -17.10 -8.78 23.91
C TYR D 149 -16.20 -7.97 24.84
N PHE D 150 -15.20 -8.64 25.40
CA PHE D 150 -14.27 -7.97 26.29
C PHE D 150 -13.06 -8.85 26.53
N PRO D 151 -11.86 -8.26 26.49
CA PRO D 151 -11.58 -6.85 26.25
C PRO D 151 -11.19 -6.69 24.80
N GLU D 152 -10.64 -5.53 24.46
CA GLU D 152 -10.17 -5.31 23.10
C GLU D 152 -8.86 -6.12 23.00
N PRO D 153 -8.36 -6.37 21.79
CA PRO D 153 -8.92 -5.94 20.51
C PRO D 153 -9.58 -7.12 19.80
N VAL D 154 -10.30 -6.80 18.75
CA VAL D 154 -10.96 -7.81 17.94
C VAL D 154 -10.53 -7.44 16.52
N THR D 155 -10.22 -8.43 15.70
CA THR D 155 -9.83 -8.14 14.32
C THR D 155 -10.91 -8.62 13.36
N VAL D 156 -11.16 -7.82 12.33
CA VAL D 156 -12.16 -8.14 11.32
C VAL D 156 -11.55 -8.02 9.93
N SER D 157 -11.83 -8.99 9.08
CA SER D 157 -11.34 -8.97 7.70
C SER D 157 -12.48 -9.45 6.82
N TRP D 158 -12.41 -9.17 5.52
CA TRP D 158 -13.44 -9.59 4.59
C TRP D 158 -12.89 -10.55 3.56
N ASN D 159 -13.61 -11.65 3.35
CA ASN D 159 -13.21 -12.70 2.41
C ASN D 159 -11.75 -13.04 2.61
N SER D 160 -11.41 -13.30 3.87
CA SER D 160 -10.07 -13.68 4.29
C SER D 160 -8.96 -12.71 3.87
N GLY D 161 -9.30 -11.45 3.66
CA GLY D 161 -8.28 -10.48 3.29
C GLY D 161 -8.32 -9.99 1.85
N ALA D 162 -8.94 -10.75 0.97
CA ALA D 162 -9.01 -10.35 -0.44
C ALA D 162 -9.85 -9.10 -0.68
N LEU D 163 -10.73 -8.77 0.27
CA LEU D 163 -11.57 -7.59 0.11
C LEU D 163 -11.17 -6.53 1.13
N THR D 164 -10.60 -5.43 0.63
CA THR D 164 -10.15 -4.33 1.48
C THR D 164 -10.72 -2.98 1.03
N SER D 165 -10.94 -2.86 -0.28
CA SER D 165 -11.49 -1.64 -0.84
C SER D 165 -12.94 -1.46 -0.41
N GLY D 166 -13.26 -0.26 0.10
CA GLY D 166 -14.62 0.01 0.53
C GLY D 166 -14.93 -0.52 1.93
N VAL D 167 -13.90 -0.98 2.63
CA VAL D 167 -14.08 -1.51 3.97
C VAL D 167 -13.87 -0.46 5.05
N HIS D 168 -14.78 -0.40 6.00
CA HIS D 168 -14.68 0.52 7.12
C HIS D 168 -14.94 -0.21 8.41
N THR D 169 -13.90 -0.39 9.22
CA THR D 169 -14.07 -1.06 10.49
C THR D 169 -13.99 0.01 11.57
N PHE D 170 -15.16 0.37 12.07
CA PHE D 170 -15.28 1.40 13.10
C PHE D 170 -14.68 0.97 14.43
N PRO D 171 -14.25 1.95 15.24
CA PRO D 171 -13.67 1.69 16.56
C PRO D 171 -14.79 1.21 17.47
N ALA D 172 -14.50 0.24 18.32
CA ALA D 172 -15.51 -0.28 19.24
C ALA D 172 -15.93 0.82 20.21
N VAL D 173 -17.10 0.64 20.82
CA VAL D 173 -17.62 1.60 21.78
C VAL D 173 -17.97 0.80 23.03
N LEU D 174 -17.60 1.32 24.19
CA LEU D 174 -17.89 0.62 25.43
C LEU D 174 -19.34 0.86 25.78
N GLN D 175 -20.12 -0.20 25.81
CA GLN D 175 -21.53 -0.11 26.14
C GLN D 175 -21.71 0.00 27.65
N SER D 176 -22.82 0.61 28.09
CA SER D 176 -23.09 0.81 29.51
C SER D 176 -22.96 -0.48 30.34
N SER D 177 -22.96 -1.63 29.67
CA SER D 177 -22.83 -2.90 30.35
C SER D 177 -21.38 -3.28 30.62
N GLY D 178 -20.45 -2.44 30.17
CA GLY D 178 -19.04 -2.73 30.36
C GLY D 178 -18.50 -3.68 29.29
N LEU D 179 -19.24 -3.83 28.20
CA LEU D 179 -18.84 -4.70 27.11
C LEU D 179 -18.72 -3.86 25.83
N TYR D 180 -17.83 -4.27 24.92
CA TYR D 180 -17.63 -3.55 23.66
C TYR D 180 -18.53 -4.03 22.54
N SER D 181 -18.67 -3.18 21.54
CA SER D 181 -19.49 -3.47 20.38
C SER D 181 -18.86 -2.71 19.22
N LEU D 182 -18.70 -3.38 18.09
CA LEU D 182 -18.08 -2.78 16.94
C LEU D 182 -18.71 -3.27 15.65
N SER D 183 -18.92 -2.36 14.70
CA SER D 183 -19.49 -2.74 13.43
C SER D 183 -18.40 -2.61 12.36
N SER D 184 -18.48 -3.45 11.33
CA SER D 184 -17.52 -3.43 10.23
C SER D 184 -18.32 -3.52 8.95
N VAL D 185 -18.24 -2.47 8.12
CA VAL D 185 -19.00 -2.45 6.88
C VAL D 185 -18.14 -2.34 5.62
N VAL D 186 -18.80 -2.53 4.49
CA VAL D 186 -18.16 -2.43 3.20
C VAL D 186 -19.22 -2.11 2.17
N THR D 187 -18.88 -1.26 1.22
CA THR D 187 -19.81 -0.88 0.17
C THR D 187 -19.39 -1.63 -1.10
N VAL D 188 -20.36 -2.05 -1.89
CA VAL D 188 -20.07 -2.79 -3.11
C VAL D 188 -21.13 -2.50 -4.15
N PRO D 189 -20.92 -2.98 -5.38
CA PRO D 189 -21.91 -2.75 -6.43
C PRO D 189 -23.13 -3.57 -6.09
N SER D 190 -24.29 -2.94 -6.00
CA SER D 190 -25.50 -3.65 -5.67
C SER D 190 -25.75 -4.75 -6.68
N SER D 191 -25.29 -4.52 -7.91
CA SER D 191 -25.46 -5.48 -8.97
C SER D 191 -24.58 -6.70 -8.70
N SER D 192 -23.59 -6.56 -7.81
CA SER D 192 -22.73 -7.68 -7.50
C SER D 192 -23.30 -8.56 -6.40
N LEU D 193 -24.32 -8.07 -5.72
CA LEU D 193 -24.93 -8.82 -4.61
C LEU D 193 -25.38 -10.22 -4.99
N GLY D 194 -25.89 -10.37 -6.20
CA GLY D 194 -26.35 -11.67 -6.63
C GLY D 194 -25.32 -12.75 -6.86
N THR D 195 -24.13 -12.37 -7.36
CA THR D 195 -23.12 -13.37 -7.68
C THR D 195 -21.84 -13.45 -6.85
N GLN D 196 -21.59 -12.48 -5.98
CA GLN D 196 -20.36 -12.50 -5.18
C GLN D 196 -20.60 -12.77 -3.71
N THR D 197 -19.85 -13.71 -3.15
CA THR D 197 -19.97 -14.05 -1.73
C THR D 197 -19.23 -13.02 -0.86
N TYR D 198 -19.84 -12.64 0.26
CA TYR D 198 -19.26 -11.68 1.20
C TYR D 198 -19.26 -12.24 2.61
N ILE D 199 -18.07 -12.48 3.13
CA ILE D 199 -17.90 -13.07 4.44
C ILE D 199 -16.95 -12.24 5.32
N CYS D 200 -17.39 -11.91 6.53
CA CYS D 200 -16.51 -11.17 7.40
C CYS D 200 -15.86 -12.20 8.31
N ASN D 201 -14.58 -12.02 8.59
CA ASN D 201 -13.85 -12.94 9.43
C ASN D 201 -13.46 -12.21 10.71
N VAL D 202 -14.04 -12.64 11.82
CA VAL D 202 -13.77 -12.04 13.11
C VAL D 202 -12.94 -12.95 13.98
N ASN D 203 -11.95 -12.37 14.66
CA ASN D 203 -11.13 -13.15 15.55
C ASN D 203 -10.92 -12.37 16.82
N HIS D 204 -11.19 -13.02 17.95
CA HIS D 204 -11.04 -12.42 19.25
C HIS D 204 -10.17 -13.34 20.10
N LYS D 205 -8.87 -13.12 19.99
CA LYS D 205 -7.86 -13.90 20.70
C LYS D 205 -8.04 -13.99 22.22
N PRO D 206 -8.48 -12.90 22.87
CA PRO D 206 -8.65 -12.99 24.32
C PRO D 206 -9.55 -14.16 24.74
N SER D 207 -10.55 -14.47 23.91
CA SER D 207 -11.48 -15.56 24.22
C SER D 207 -11.36 -16.74 23.26
N ASN D 208 -10.35 -16.73 22.40
CA ASN D 208 -10.15 -17.81 21.44
C ASN D 208 -11.40 -17.95 20.56
N THR D 209 -12.00 -16.83 20.20
CA THR D 209 -13.20 -16.84 19.37
C THR D 209 -12.91 -16.54 17.90
N LYS D 210 -13.23 -17.48 17.02
CA LYS D 210 -13.02 -17.30 15.59
C LYS D 210 -14.32 -17.54 14.83
N VAL D 211 -14.86 -16.49 14.24
CA VAL D 211 -16.10 -16.58 13.50
C VAL D 211 -16.01 -16.05 12.06
N ASP D 212 -16.68 -16.73 11.15
CA ASP D 212 -16.76 -16.35 9.74
C ASP D 212 -18.25 -16.20 9.51
N LYS D 213 -18.67 -15.02 9.08
CA LYS D 213 -20.08 -14.79 8.85
C LYS D 213 -20.37 -14.36 7.42
N LYS D 214 -21.15 -15.19 6.72
CA LYS D 214 -21.56 -14.85 5.37
C LYS D 214 -22.73 -13.91 5.53
N VAL D 215 -22.73 -12.80 4.79
CA VAL D 215 -23.78 -11.81 4.85
C VAL D 215 -24.38 -11.60 3.46
N GLU D 216 -25.71 -11.69 3.38
CA GLU D 216 -26.43 -11.52 2.11
C GLU D 216 -27.77 -10.83 2.33
N PRO D 217 -28.45 -10.44 1.25
CA PRO D 217 -29.75 -9.75 1.40
C PRO D 217 -30.70 -10.62 2.19
N LYS D 218 -31.38 -10.01 3.15
CA LYS D 218 -32.30 -10.69 4.03
C LYS D 218 -33.45 -11.43 3.38
N SER D 219 -34.30 -10.70 2.65
CA SER D 219 -35.45 -11.32 1.99
C SER D 219 -35.16 -12.77 1.65
N CYS D 220 -34.24 -12.96 0.71
CA CYS D 220 -33.84 -14.29 0.24
C CYS D 220 -32.85 -14.10 -0.91
C1 COC E . -22.45 0.13 -17.74
O5 COC E . -21.30 0.11 -18.63
C6 COC E . -20.06 0.17 -18.10
O7 COC E . -19.80 -0.18 -16.98
C8 COC E . -19.13 0.76 -19.18
C10 COC E . -17.74 -0.02 -19.16
N12 COC E . -17.17 0.13 -17.80
C14 COC E . -16.12 -0.88 -17.51
C18 COC E . -16.68 0.56 -20.13
C21 COC E . -15.91 1.60 -19.26
C24 COC E . -16.63 1.50 -17.89
C26 COC E . -17.86 2.50 -17.81
C29 COC E . -18.82 2.25 -18.99
O1 COC E . -20.06 3.01 -18.81
C2 COC E . -20.89 3.25 -19.87
O3 COC E . -20.57 3.12 -21.01
C4 COC E . -22.28 3.71 -19.41
C5 COC E . -23.28 3.91 -20.39
C7 COC E . -24.57 4.33 -19.97
C9 COC E . -24.87 4.55 -18.65
C11 COC E . -23.88 4.36 -17.69
C13 COC E . -22.58 3.93 -18.06
C1 COC F . 21.89 6.74 16.05
O5 COC F . 20.77 7.07 16.90
C6 COC F . 19.55 7.19 16.33
O7 COC F . 19.19 6.62 15.33
C8 COC F . 18.75 8.17 17.20
C10 COC F . 17.41 7.47 17.64
N12 COC F . 16.70 7.10 16.40
C14 COC F . 15.70 6.02 16.60
C18 COC F . 16.43 8.38 18.45
C21 COC F . 15.53 9.00 17.37
C24 COC F . 16.08 8.41 16.05
C26 COC F . 17.24 9.28 15.45
C29 COC F . 18.35 9.48 16.49
O1 COC F . 19.53 10.10 15.89
C2 COC F . 20.42 10.77 16.67
O3 COC F . 20.23 11.06 17.82
C4 COC F . 21.71 11.05 15.91
C5 COC F . 22.85 11.49 16.64
C7 COC F . 24.06 11.76 15.94
C9 COC F . 24.12 11.60 14.58
C11 COC F . 23.00 11.18 13.86
C13 COC F . 21.79 10.91 14.53
#